data_3DWJ
#
_entry.id   3DWJ
#
_cell.length_a   214.597
_cell.length_b   214.597
_cell.length_c   111.933
_cell.angle_alpha   90.00
_cell.angle_beta   90.00
_cell.angle_gamma   120.00
#
_symmetry.space_group_name_H-M   'P 61 2 2'
#
loop_
_entity.id
_entity.type
_entity.pdbx_description
1 polymer 'Nitric oxide synthase, inducible'
2 non-polymer 'SULFATE ION'
3 non-polymer 'AMMONIUM ION'
4 non-polymer 'PROTOPORPHYRIN IX CONTAINING FE'
5 non-polymer 5,6,7,8-TETRAHYDROBIOPTERIN
6 water water
#
_entity_poly.entity_id   1
_entity_poly.type   'polypeptide(L)'
_entity_poly.pdbx_seq_one_letter_code
;LDKLHVTSTRPQYVRIKNWGSGEILHDTLHHKATSDFTCKSKSCLGSIMNPKSLTRGPRDKPTPLEELLPHAIEFINQYY
GSFKEAKIEEHLARLEAVTKEIETTGTYQLTLDELIFATKMAHRNAPRCIGRIQWSNLQVFDARNCSTAQEMFQHICRHI
LYATNNGNIRSAITVFPQRSDGKHDFRLWNSQLIRYAGYQMPDGTIRGDAATLEFTQLCIDLGWKPRYGRFDVLPLVLQA
DGQDPEVFEIPPDLVLEVTMEHPKYEWFQELGLKWYALPAVANMLLEVGGLEFPACPFNGWYMGTEIGVRDFCDTQRYNI
LEEVGRRMGLETHTLASLWKDRAVTEINVAVLHSFQKQNVTIMDHHTASESFMKHMQNEYRARGGCPADWIWLVPPVSGS
ITPVFHQEMLNYVLSPFYYYQIEPWKTHIWQ
;
_entity_poly.pdbx_strand_id   A,B
#
loop_
_chem_comp.id
_chem_comp.type
_chem_comp.name
_chem_comp.formula
H4B non-polymer 5,6,7,8-TETRAHYDROBIOPTERIN 'C9 H15 N5 O3'
HEM non-polymer 'PROTOPORPHYRIN IX CONTAINING FE' 'C34 H32 Fe N4 O4'
NH4 non-polymer 'AMMONIUM ION' 'H4 N 1'
SO4 non-polymer 'SULFATE ION' 'O4 S -2'
#
# COMPACT_ATOMS: atom_id res chain seq x y z
N GLN A 12 22.49 -13.15 23.72
CA GLN A 12 21.39 -13.35 24.66
C GLN A 12 20.57 -14.58 24.26
N TYR A 13 19.24 -14.42 24.17
CA TYR A 13 18.35 -15.53 23.84
C TYR A 13 18.37 -15.91 22.36
N VAL A 14 17.43 -16.74 21.95
CA VAL A 14 17.39 -17.21 20.58
C VAL A 14 15.97 -17.24 20.06
N ARG A 15 15.71 -16.46 19.02
CA ARG A 15 14.37 -16.39 18.43
C ARG A 15 14.09 -17.69 17.71
N ILE A 16 12.89 -18.21 17.91
CA ILE A 16 12.47 -19.51 17.37
C ILE A 16 11.07 -19.40 16.76
N LYS A 17 10.91 -19.86 15.53
CA LYS A 17 9.64 -19.68 14.84
C LYS A 17 8.86 -20.96 14.61
N ASN A 18 7.57 -20.91 14.94
CA ASN A 18 6.64 -21.87 14.39
C ASN A 18 6.00 -21.30 13.12
N TRP A 19 6.18 -22.00 12.01
CA TRP A 19 5.81 -21.49 10.70
C TRP A 19 4.36 -21.76 10.34
N GLY A 20 3.70 -22.58 11.15
CA GLY A 20 2.28 -22.77 11.02
C GLY A 20 1.51 -21.60 11.60
N SER A 21 1.72 -21.35 12.89
CA SER A 21 1.00 -20.31 13.63
C SER A 21 1.62 -18.95 13.47
N GLY A 22 2.90 -18.92 13.06
CA GLY A 22 3.63 -17.67 12.97
C GLY A 22 4.15 -17.23 14.31
N GLU A 23 3.83 -17.99 15.35
CA GLU A 23 4.29 -17.68 16.71
C GLU A 23 5.81 -17.81 16.84
N ILE A 24 6.42 -16.82 17.50
CA ILE A 24 7.85 -16.84 17.75
C ILE A 24 8.08 -16.93 19.25
N LEU A 25 9.09 -17.69 19.64
CA LEU A 25 9.46 -17.80 21.05
C LEU A 25 10.94 -17.53 21.24
N HIS A 26 11.32 -17.11 22.45
CA HIS A 26 12.72 -16.82 22.78
C HIS A 26 13.28 -17.86 23.75
N ASP A 27 14.19 -18.72 23.27
CA ASP A 27 14.80 -19.75 24.12
C ASP A 27 15.86 -19.21 25.08
N THR A 28 15.73 -19.57 26.36
CA THR A 28 16.63 -19.10 27.41
C THR A 28 17.30 -20.29 28.07
N LEU A 29 16.54 -21.38 28.16
CA LEU A 29 17.00 -22.58 28.81
C LEU A 29 18.33 -23.07 28.24
N HIS A 30 18.59 -22.80 26.97
CA HIS A 30 19.75 -23.39 26.33
C HIS A 30 21.06 -22.89 26.96
N HIS A 31 21.01 -21.72 27.58
CA HIS A 31 22.16 -21.15 28.24
C HIS A 31 22.70 -22.05 29.34
N LYS A 32 21.83 -22.92 29.86
CA LYS A 32 22.18 -23.82 30.97
C LYS A 32 22.69 -25.12 30.40
N ALA A 33 22.95 -25.13 29.09
CA ALA A 33 23.41 -26.33 28.40
C ALA A 33 24.75 -26.83 28.94
N THR A 34 25.20 -27.98 28.44
CA THR A 34 26.44 -28.57 28.89
C THR A 34 27.40 -28.70 27.72
N SER A 35 28.70 -28.68 28.01
CA SER A 35 29.72 -28.71 26.96
C SER A 35 29.39 -27.70 25.85
N SER A 47 17.18 -27.29 13.36
CA SER A 47 15.99 -27.23 12.50
C SER A 47 15.51 -25.80 12.16
N ILE A 48 16.41 -24.84 12.08
CA ILE A 48 15.99 -23.49 11.71
C ILE A 48 15.91 -23.30 10.20
N MET A 49 14.81 -22.72 9.76
CA MET A 49 14.55 -22.50 8.34
C MET A 49 15.62 -21.64 7.64
N ASN A 50 15.82 -20.42 8.15
CA ASN A 50 16.82 -19.52 7.62
C ASN A 50 17.95 -19.19 8.62
N PRO A 51 18.85 -20.14 8.85
CA PRO A 51 20.04 -19.87 9.66
C PRO A 51 20.88 -18.80 8.97
N LYS A 52 21.56 -17.93 9.73
CA LYS A 52 22.50 -16.96 9.13
C LYS A 52 23.50 -17.73 8.30
N SER A 53 23.90 -18.89 8.80
CA SER A 53 24.86 -19.71 8.07
C SER A 53 24.44 -20.01 6.61
N LEU A 54 23.15 -20.01 6.33
CA LEU A 54 22.64 -20.32 5.00
C LEU A 54 22.23 -19.06 4.21
N THR A 55 22.70 -17.90 4.67
CA THR A 55 22.33 -16.61 4.07
C THR A 55 23.56 -15.80 3.67
N ARG A 56 23.49 -15.21 2.48
CA ARG A 56 24.49 -14.25 2.03
C ARG A 56 23.81 -12.90 1.82
N GLY A 57 24.18 -11.91 2.64
CA GLY A 57 23.46 -10.67 2.70
C GLY A 57 24.02 -9.58 1.80
N PRO A 58 23.48 -8.36 1.91
CA PRO A 58 23.88 -7.24 1.06
C PRO A 58 25.26 -6.68 1.47
N ARG A 59 25.77 -5.75 0.67
CA ARG A 59 26.91 -4.93 1.09
C ARG A 59 27.03 -3.59 0.35
N ASP A 60 27.92 -2.74 0.83
CA ASP A 60 28.03 -1.37 0.34
C ASP A 60 29.36 -1.14 -0.38
N LYS A 61 30.22 -2.16 -0.41
CA LYS A 61 31.56 -2.02 -0.99
C LYS A 61 31.96 -3.28 -1.74
N PRO A 62 32.80 -3.12 -2.77
CA PRO A 62 33.28 -4.28 -3.54
C PRO A 62 33.96 -5.27 -2.60
N THR A 63 33.98 -6.56 -2.92
CA THR A 63 34.78 -7.54 -2.18
C THR A 63 36.23 -7.12 -2.12
N PRO A 64 36.86 -7.20 -0.93
CA PRO A 64 38.29 -6.83 -0.91
C PRO A 64 39.10 -7.82 -1.72
N LEU A 65 40.22 -7.35 -2.28
CA LEU A 65 40.97 -8.19 -3.21
C LEU A 65 41.61 -9.35 -2.46
N GLU A 66 42.05 -9.10 -1.24
CA GLU A 66 42.80 -10.09 -0.49
C GLU A 66 41.95 -11.34 -0.22
N GLU A 67 40.63 -11.16 -0.21
CA GLU A 67 39.75 -12.29 -0.01
C GLU A 67 39.39 -12.85 -1.36
N LEU A 68 39.06 -11.95 -2.28
CA LEU A 68 38.62 -12.33 -3.60
C LEU A 68 39.64 -13.29 -4.23
N LEU A 69 40.89 -12.84 -4.34
CA LEU A 69 41.89 -13.61 -5.08
C LEU A 69 42.00 -15.09 -4.65
N PRO A 70 42.27 -15.36 -3.37
CA PRO A 70 42.37 -16.77 -2.94
C PRO A 70 41.16 -17.58 -3.40
N HIS A 71 39.98 -16.99 -3.27
CA HIS A 71 38.74 -17.65 -3.63
C HIS A 71 38.67 -17.97 -5.11
N ALA A 72 39.00 -16.97 -5.94
CA ALA A 72 39.06 -17.17 -7.37
C ALA A 72 40.03 -18.29 -7.72
N ILE A 73 41.24 -18.24 -7.15
CA ILE A 73 42.23 -19.28 -7.44
C ILE A 73 41.67 -20.65 -7.09
N GLU A 74 41.07 -20.77 -5.90
CA GLU A 74 40.50 -22.05 -5.49
C GLU A 74 39.53 -22.56 -6.55
N PHE A 75 38.65 -21.67 -7.01
CA PHE A 75 37.64 -22.05 -7.98
C PHE A 75 38.27 -22.49 -9.29
N ILE A 76 39.22 -21.71 -9.80
CA ILE A 76 39.82 -22.02 -11.09
C ILE A 76 40.52 -23.39 -11.01
N ASN A 77 41.04 -23.71 -9.84
CA ASN A 77 41.72 -24.99 -9.65
C ASN A 77 40.74 -26.14 -9.56
N GLN A 78 39.50 -25.83 -9.18
CA GLN A 78 38.47 -26.85 -9.09
C GLN A 78 38.00 -27.13 -10.50
N TYR A 79 37.62 -26.07 -11.19
CA TYR A 79 37.18 -26.15 -12.58
C TYR A 79 38.16 -26.96 -13.44
N TYR A 80 39.46 -26.73 -13.25
CA TYR A 80 40.44 -27.46 -14.05
C TYR A 80 40.70 -28.85 -13.51
N GLY A 81 40.58 -29.01 -12.20
CA GLY A 81 40.75 -30.31 -11.58
C GLY A 81 39.52 -31.20 -11.73
N SER A 82 38.65 -30.84 -12.66
CA SER A 82 37.38 -31.56 -12.82
C SER A 82 37.22 -32.16 -14.21
N PHE A 83 38.27 -32.07 -15.00
CA PHE A 83 38.27 -32.73 -16.29
C PHE A 83 38.85 -34.11 -16.06
N LYS A 84 38.50 -35.03 -16.95
CA LYS A 84 39.27 -36.22 -17.20
C LYS A 84 40.72 -36.23 -17.58
N GLU A 85 41.20 -35.31 -18.31
CA GLU A 85 42.56 -35.40 -18.80
C GLU A 85 42.89 -33.93 -18.79
N ALA A 86 43.85 -33.55 -17.97
CA ALA A 86 44.06 -32.23 -17.39
C ALA A 86 44.67 -31.36 -18.47
N LYS A 87 44.22 -30.12 -18.55
CA LYS A 87 44.81 -29.17 -19.48
C LYS A 87 45.67 -28.18 -18.70
N ILE A 88 46.86 -28.62 -18.32
CA ILE A 88 47.68 -27.85 -17.39
C ILE A 88 47.98 -26.43 -17.88
N GLU A 89 48.46 -26.33 -19.11
CA GLU A 89 48.80 -25.03 -19.67
C GLU A 89 47.64 -24.02 -19.61
N GLU A 90 46.44 -24.44 -20.01
CA GLU A 90 45.28 -23.56 -19.94
C GLU A 90 44.91 -23.22 -18.49
N HIS A 91 45.14 -24.17 -17.59
CA HIS A 91 44.89 -23.98 -16.18
C HIS A 91 45.87 -22.91 -15.63
N LEU A 92 47.15 -23.07 -15.93
CA LEU A 92 48.15 -22.07 -15.55
C LEU A 92 47.86 -20.72 -16.19
N ALA A 93 47.47 -20.74 -17.46
CA ALA A 93 47.11 -19.51 -18.15
C ALA A 93 45.92 -18.80 -17.49
N ARG A 94 44.86 -19.55 -17.27
CA ARG A 94 43.64 -18.98 -16.72
C ARG A 94 43.95 -18.34 -15.38
N LEU A 95 44.74 -19.03 -14.55
CA LEU A 95 45.16 -18.48 -13.25
C LEU A 95 45.81 -17.10 -13.42
N GLU A 96 46.73 -17.02 -14.38
CA GLU A 96 47.41 -15.78 -14.73
C GLU A 96 46.45 -14.71 -15.21
N ALA A 97 45.59 -15.04 -16.17
CA ALA A 97 44.63 -14.08 -16.71
C ALA A 97 43.67 -13.55 -15.65
N VAL A 98 43.27 -14.42 -14.71
CA VAL A 98 42.32 -14.07 -13.67
C VAL A 98 42.93 -13.14 -12.65
N THR A 99 44.18 -13.43 -12.28
CA THR A 99 44.91 -12.55 -11.38
C THR A 99 45.07 -11.18 -12.03
N LYS A 100 45.52 -11.14 -13.28
CA LYS A 100 45.70 -9.86 -13.95
C LYS A 100 44.38 -9.07 -13.98
N GLU A 101 43.27 -9.76 -14.22
CA GLU A 101 41.98 -9.10 -14.31
C GLU A 101 41.60 -8.50 -12.96
N ILE A 102 41.80 -9.27 -11.89
CA ILE A 102 41.51 -8.77 -10.56
C ILE A 102 42.42 -7.60 -10.27
N GLU A 103 43.71 -7.78 -10.55
CA GLU A 103 44.70 -6.74 -10.26
C GLU A 103 44.26 -5.46 -10.95
N THR A 104 43.56 -5.64 -12.05
CA THR A 104 43.42 -4.62 -13.05
C THR A 104 42.05 -3.92 -13.06
N THR A 105 41.02 -4.60 -12.53
CA THR A 105 39.63 -4.13 -12.60
C THR A 105 38.90 -4.17 -11.26
N GLY A 106 39.33 -5.08 -10.39
CA GLY A 106 38.71 -5.23 -9.09
C GLY A 106 37.63 -6.28 -8.86
N THR A 107 37.47 -7.17 -9.84
CA THR A 107 36.90 -8.51 -9.75
C THR A 107 37.22 -9.02 -11.15
N TYR A 108 36.58 -10.14 -11.51
CA TYR A 108 36.88 -10.88 -12.75
C TYR A 108 35.66 -11.67 -13.27
N GLN A 109 35.50 -11.79 -14.60
CA GLN A 109 34.41 -12.54 -15.16
C GLN A 109 34.67 -14.00 -15.46
N LEU A 110 33.70 -14.82 -15.16
CA LEU A 110 33.80 -16.25 -15.46
C LEU A 110 33.62 -16.46 -16.95
N THR A 111 34.35 -17.43 -17.49
CA THR A 111 34.08 -17.87 -18.84
C THR A 111 32.69 -18.51 -18.82
N LEU A 112 32.04 -18.60 -19.98
CA LEU A 112 30.74 -19.28 -20.01
C LEU A 112 30.89 -20.76 -19.59
N ASP A 113 31.95 -21.40 -20.07
CA ASP A 113 32.23 -22.78 -19.76
C ASP A 113 32.65 -22.92 -18.29
N GLU A 114 32.52 -21.83 -17.54
CA GLU A 114 32.80 -21.84 -16.10
C GLU A 114 31.51 -21.53 -15.33
N LEU A 115 30.66 -20.69 -15.91
CA LEU A 115 29.35 -20.38 -15.35
C LEU A 115 28.55 -21.66 -15.30
N ILE A 116 28.66 -22.44 -16.37
CA ILE A 116 27.90 -23.67 -16.52
C ILE A 116 28.31 -24.68 -15.46
N PHE A 117 29.60 -24.73 -15.18
CA PHE A 117 30.13 -25.61 -14.16
C PHE A 117 29.71 -25.05 -12.80
N ALA A 118 29.78 -23.73 -12.67
CA ALA A 118 29.41 -23.09 -11.42
C ALA A 118 27.99 -23.46 -11.06
N THR A 119 27.10 -23.36 -12.04
CA THR A 119 25.68 -23.57 -11.77
C THR A 119 25.37 -25.02 -11.45
N LYS A 120 26.11 -25.94 -12.06
CA LYS A 120 25.87 -27.36 -11.83
C LYS A 120 26.44 -27.85 -10.50
N MET A 121 27.66 -27.41 -10.16
CA MET A 121 28.26 -27.80 -8.91
C MET A 121 27.47 -27.25 -7.73
N ALA A 122 26.96 -26.03 -7.87
CA ALA A 122 26.25 -25.40 -6.76
C ALA A 122 24.95 -26.14 -6.46
N HIS A 123 24.22 -26.50 -7.51
CA HIS A 123 23.07 -27.40 -7.37
C HIS A 123 23.52 -28.72 -6.75
N ARG A 124 24.48 -29.37 -7.38
CA ARG A 124 25.17 -30.49 -6.76
C ARG A 124 25.44 -30.26 -5.26
N ASN A 125 25.82 -29.05 -4.86
CA ASN A 125 26.11 -28.76 -3.45
C ASN A 125 24.93 -28.26 -2.62
N ALA A 126 23.69 -28.36 -3.09
CA ALA A 126 22.58 -27.86 -2.27
C ALA A 126 22.01 -28.97 -1.37
N PRO A 127 22.33 -28.93 -0.07
CA PRO A 127 22.06 -30.00 0.89
C PRO A 127 20.58 -30.22 1.07
N ARG A 128 19.78 -29.20 0.76
CA ARG A 128 18.32 -29.27 0.93
C ARG A 128 17.54 -29.72 -0.32
N CYS A 129 18.20 -30.29 -1.33
CA CYS A 129 17.52 -30.62 -2.60
C CYS A 129 17.54 -32.10 -2.95
N ILE A 130 16.35 -32.69 -3.14
CA ILE A 130 16.21 -34.13 -3.43
C ILE A 130 16.53 -34.51 -4.87
N GLY A 131 16.35 -33.57 -5.79
CA GLY A 131 16.49 -33.86 -7.21
C GLY A 131 17.89 -33.90 -7.77
N ARG A 132 18.90 -33.89 -6.91
CA ARG A 132 20.29 -33.68 -7.34
C ARG A 132 20.85 -34.80 -8.23
N ILE A 133 20.11 -35.90 -8.36
CA ILE A 133 20.52 -36.95 -9.28
C ILE A 133 20.74 -36.31 -10.65
N GLN A 134 19.91 -35.32 -10.97
CA GLN A 134 19.91 -34.62 -12.27
C GLN A 134 20.88 -33.44 -12.40
N TRP A 135 21.88 -33.38 -11.53
CA TRP A 135 22.61 -32.11 -11.38
C TRP A 135 23.35 -31.76 -12.65
N SER A 136 23.66 -32.78 -13.44
CA SER A 136 24.38 -32.54 -14.68
C SER A 136 23.52 -31.87 -15.77
N ASN A 137 22.26 -32.26 -15.85
CA ASN A 137 21.37 -31.71 -16.86
C ASN A 137 20.76 -30.39 -16.43
N LEU A 138 21.48 -29.31 -16.71
CA LEU A 138 20.98 -27.98 -16.46
C LEU A 138 21.22 -27.11 -17.69
N GLN A 139 20.22 -26.31 -18.04
CA GLN A 139 20.33 -25.36 -19.13
C GLN A 139 20.70 -24.03 -18.52
N VAL A 140 21.71 -23.37 -19.09
CA VAL A 140 22.16 -22.11 -18.53
C VAL A 140 21.98 -20.94 -19.50
N PHE A 141 21.23 -19.94 -19.05
CA PHE A 141 21.01 -18.72 -19.80
C PHE A 141 21.86 -17.60 -19.23
N ASP A 142 22.89 -17.23 -19.99
CA ASP A 142 23.82 -16.19 -19.61
C ASP A 142 23.21 -14.83 -19.91
N ALA A 143 22.70 -14.17 -18.87
CA ALA A 143 22.13 -12.83 -19.03
C ALA A 143 22.95 -11.78 -18.25
N ARG A 144 24.22 -12.09 -18.04
CA ARG A 144 25.13 -11.16 -17.39
C ARG A 144 25.26 -9.79 -18.09
N ASN A 145 24.84 -9.70 -19.35
CA ASN A 145 24.93 -8.45 -20.10
C ASN A 145 23.70 -7.59 -19.91
N CYS A 146 22.78 -8.05 -19.06
CA CYS A 146 21.53 -7.35 -18.85
C CYS A 146 21.79 -5.99 -18.18
N SER A 147 21.01 -4.97 -18.51
CA SER A 147 21.17 -3.72 -17.78
C SER A 147 19.88 -3.03 -17.34
N THR A 148 18.80 -3.29 -18.07
CA THR A 148 17.53 -2.68 -17.74
C THR A 148 16.58 -3.69 -17.09
N ALA A 149 15.55 -3.18 -16.42
CA ALA A 149 14.47 -4.05 -15.94
C ALA A 149 13.83 -4.81 -17.09
N GLN A 150 13.33 -4.06 -18.09
CA GLN A 150 12.65 -4.65 -19.25
C GLN A 150 13.47 -5.79 -19.85
N GLU A 151 14.79 -5.69 -19.70
CA GLU A 151 15.71 -6.67 -20.26
C GLU A 151 15.85 -7.91 -19.37
N MET A 152 15.57 -7.73 -18.09
CA MET A 152 15.51 -8.83 -17.13
C MET A 152 14.22 -9.60 -17.37
N PHE A 153 13.15 -8.82 -17.52
CA PHE A 153 11.80 -9.36 -17.66
C PHE A 153 11.64 -10.08 -19.00
N GLN A 154 12.44 -9.72 -20.00
CA GLN A 154 12.43 -10.46 -21.24
C GLN A 154 13.08 -11.83 -21.01
N HIS A 155 14.28 -11.82 -20.43
CA HIS A 155 14.98 -13.05 -20.07
C HIS A 155 14.13 -13.98 -19.23
N ILE A 156 13.42 -13.42 -18.25
CA ILE A 156 12.63 -14.25 -17.38
C ILE A 156 11.59 -14.97 -18.22
N CYS A 157 10.93 -14.21 -19.10
CA CYS A 157 9.92 -14.79 -19.99
C CYS A 157 10.49 -15.90 -20.88
N ARG A 158 11.66 -15.66 -21.50
CA ARG A 158 12.32 -16.72 -22.26
C ARG A 158 12.49 -17.97 -21.37
N HIS A 159 13.00 -17.76 -20.16
CA HIS A 159 13.29 -18.86 -19.26
C HIS A 159 12.05 -19.72 -19.04
N ILE A 160 11.00 -19.06 -18.54
CA ILE A 160 9.75 -19.72 -18.27
C ILE A 160 9.33 -20.59 -19.45
N LEU A 161 9.39 -20.02 -20.66
CA LEU A 161 8.91 -20.74 -21.83
C LEU A 161 9.78 -21.95 -22.14
N TYR A 162 11.09 -21.82 -21.97
CA TYR A 162 11.97 -22.94 -22.20
C TYR A 162 11.70 -24.06 -21.20
N ALA A 163 11.84 -23.75 -19.90
CA ALA A 163 11.62 -24.75 -18.85
C ALA A 163 10.24 -25.45 -18.92
N THR A 164 9.23 -24.73 -19.40
CA THR A 164 7.85 -25.24 -19.40
C THR A 164 7.59 -26.25 -20.52
N ASN A 165 8.14 -25.95 -21.71
CA ASN A 165 8.13 -26.88 -22.83
C ASN A 165 6.78 -27.54 -23.06
N ASN A 166 5.71 -26.79 -22.81
CA ASN A 166 4.38 -27.32 -23.01
C ASN A 166 4.14 -28.56 -22.10
N GLY A 167 4.67 -28.50 -20.88
CA GLY A 167 4.44 -29.54 -19.88
C GLY A 167 5.59 -30.53 -19.70
N ASN A 168 6.47 -30.60 -20.70
CA ASN A 168 7.65 -31.45 -20.59
C ASN A 168 8.84 -30.68 -19.96
N ILE A 169 8.80 -30.54 -18.65
CA ILE A 169 9.62 -29.57 -17.94
C ILE A 169 11.12 -29.77 -18.16
N ARG A 170 11.78 -28.70 -18.56
CA ARG A 170 13.23 -28.73 -18.71
C ARG A 170 13.89 -27.98 -17.55
N SER A 171 14.93 -28.54 -16.97
CA SER A 171 15.67 -27.87 -15.91
C SER A 171 16.51 -26.72 -16.47
N ALA A 172 16.29 -25.51 -15.98
CA ALA A 172 17.06 -24.35 -16.44
C ALA A 172 17.42 -23.31 -15.36
N ILE A 173 18.38 -22.46 -15.68
CA ILE A 173 18.75 -21.34 -14.81
C ILE A 173 19.14 -20.11 -15.63
N THR A 174 18.69 -18.94 -15.17
CA THR A 174 19.03 -17.68 -15.82
C THR A 174 19.94 -16.87 -14.90
N VAL A 175 21.20 -16.67 -15.31
CA VAL A 175 22.17 -15.93 -14.50
C VAL A 175 22.31 -14.48 -14.92
N PHE A 176 22.06 -13.57 -13.99
CA PHE A 176 22.15 -12.15 -14.29
C PHE A 176 23.52 -11.54 -13.88
N PRO A 177 23.71 -10.22 -14.03
CA PRO A 177 25.05 -9.67 -13.77
C PRO A 177 25.49 -9.82 -12.31
N GLN A 178 26.73 -10.25 -12.11
CA GLN A 178 27.27 -10.42 -10.76
C GLN A 178 27.24 -9.13 -9.97
N ARG A 179 27.06 -9.27 -8.65
CA ARG A 179 27.21 -8.12 -7.77
C ARG A 179 28.59 -7.52 -7.93
N SER A 180 28.66 -6.20 -7.78
CA SER A 180 29.91 -5.50 -7.94
C SER A 180 30.21 -4.76 -6.65
N ASP A 181 29.58 -3.60 -6.47
CA ASP A 181 29.82 -2.81 -5.27
C ASP A 181 28.77 -3.08 -4.22
N GLY A 182 27.67 -3.70 -4.63
CA GLY A 182 26.59 -4.00 -3.70
C GLY A 182 25.47 -2.97 -3.80
N LYS A 183 25.76 -1.84 -4.44
CA LYS A 183 24.75 -0.81 -4.61
C LYS A 183 24.13 -0.83 -6.02
N HIS A 184 24.56 -1.77 -6.84
CA HIS A 184 23.97 -1.94 -8.17
C HIS A 184 23.49 -3.38 -8.38
N ASP A 185 22.98 -3.98 -7.30
CA ASP A 185 22.42 -5.32 -7.30
C ASP A 185 21.22 -5.53 -8.25
N PHE A 186 21.30 -6.56 -9.09
CA PHE A 186 20.15 -7.09 -9.81
C PHE A 186 19.44 -8.13 -8.93
N ARG A 187 18.12 -8.08 -8.85
CA ARG A 187 17.43 -9.16 -8.16
C ARG A 187 15.91 -9.15 -8.24
N LEU A 188 15.33 -10.35 -8.20
CA LEU A 188 13.87 -10.54 -8.18
C LEU A 188 13.33 -10.47 -6.76
N TRP A 189 12.26 -9.73 -6.56
CA TRP A 189 11.62 -9.62 -5.26
C TRP A 189 10.63 -10.78 -4.97
N ASN A 190 10.42 -11.63 -5.98
CA ASN A 190 9.51 -12.75 -5.88
C ASN A 190 10.17 -13.97 -5.26
N SER A 191 9.44 -14.72 -4.44
CA SER A 191 9.95 -15.96 -3.83
C SER A 191 10.28 -16.92 -4.96
N GLN A 192 9.30 -17.15 -5.83
CA GLN A 192 9.48 -17.98 -7.01
C GLN A 192 8.85 -17.29 -8.22
N LEU A 193 9.26 -17.63 -9.42
CA LEU A 193 8.78 -16.91 -10.58
C LEU A 193 7.27 -16.83 -10.61
N ILE A 194 6.66 -17.97 -10.87
CA ILE A 194 5.22 -18.12 -10.92
C ILE A 194 4.68 -18.55 -9.60
N ARG A 195 3.63 -17.89 -9.17
CA ARG A 195 3.26 -17.92 -7.77
C ARG A 195 1.93 -17.21 -7.55
N TYR A 196 1.01 -17.82 -6.79
CA TYR A 196 -0.31 -17.22 -6.59
C TYR A 196 -0.33 -16.17 -5.49
N ALA A 197 -1.24 -15.22 -5.63
CA ALA A 197 -1.44 -14.16 -4.63
C ALA A 197 -2.39 -14.55 -3.51
N GLY A 198 -2.37 -13.76 -2.43
CA GLY A 198 -3.26 -13.93 -1.31
C GLY A 198 -3.59 -12.62 -0.65
N TYR A 199 -4.87 -12.41 -0.35
CA TYR A 199 -5.34 -11.16 0.22
C TYR A 199 -6.08 -11.42 1.52
N GLN A 200 -6.15 -10.42 2.40
CA GLN A 200 -6.82 -10.57 3.69
C GLN A 200 -8.28 -10.12 3.63
N MET A 201 -9.11 -10.90 2.95
CA MET A 201 -10.51 -10.53 2.73
C MET A 201 -11.26 -10.27 4.04
N PRO A 202 -12.35 -9.49 3.95
CA PRO A 202 -13.16 -8.99 5.07
C PRO A 202 -13.76 -10.06 5.97
N ASP A 203 -13.94 -11.26 5.43
CA ASP A 203 -14.67 -12.33 6.12
C ASP A 203 -13.99 -12.83 7.40
N GLY A 204 -12.84 -12.26 7.73
CA GLY A 204 -11.98 -12.82 8.76
C GLY A 204 -11.08 -13.86 8.14
N THR A 205 -11.39 -14.20 6.89
CA THR A 205 -10.67 -15.23 6.14
C THR A 205 -9.57 -14.62 5.29
N ILE A 206 -9.12 -15.41 4.33
CA ILE A 206 -7.97 -15.07 3.50
C ILE A 206 -8.03 -15.89 2.22
N ARG A 207 -7.85 -15.24 1.07
CA ARG A 207 -8.05 -15.91 -0.21
C ARG A 207 -6.73 -16.11 -0.97
N GLY A 208 -6.66 -17.21 -1.70
CA GLY A 208 -5.50 -17.52 -2.52
C GLY A 208 -4.42 -18.23 -1.74
N ASP A 209 -3.22 -17.65 -1.70
CA ASP A 209 -2.06 -18.30 -1.12
C ASP A 209 -1.54 -17.52 0.07
N ALA A 210 -2.06 -17.84 1.25
CA ALA A 210 -1.71 -17.19 2.52
C ALA A 210 -0.22 -16.84 2.65
N ALA A 211 0.64 -17.75 2.19
CA ALA A 211 2.07 -17.53 2.17
C ALA A 211 2.45 -16.16 1.62
N THR A 212 1.96 -15.82 0.43
CA THR A 212 2.32 -14.56 -0.21
C THR A 212 1.49 -13.35 0.23
N LEU A 213 0.90 -13.45 1.41
CA LEU A 213 0.08 -12.38 1.95
C LEU A 213 0.85 -11.08 2.02
N GLU A 214 2.01 -11.10 2.68
CA GLU A 214 2.80 -9.87 2.87
C GLU A 214 3.31 -9.30 1.53
N PHE A 215 3.74 -10.17 0.63
CA PHE A 215 4.32 -9.73 -0.62
C PHE A 215 3.26 -9.21 -1.60
N THR A 216 2.11 -9.89 -1.62
CA THR A 216 0.99 -9.47 -2.45
C THR A 216 0.70 -8.00 -2.20
N GLN A 217 0.64 -7.64 -0.92
CA GLN A 217 0.44 -6.26 -0.53
C GLN A 217 1.46 -5.36 -1.22
N LEU A 218 2.72 -5.80 -1.25
CA LEU A 218 3.80 -4.99 -1.81
C LEU A 218 3.64 -4.72 -3.30
N CYS A 219 3.17 -5.72 -4.03
CA CYS A 219 2.84 -5.53 -5.43
C CYS A 219 1.69 -4.54 -5.55
N ILE A 220 0.78 -4.58 -4.57
CA ILE A 220 -0.30 -3.61 -4.54
C ILE A 220 0.26 -2.22 -4.33
N ASP A 221 1.22 -2.09 -3.42
CA ASP A 221 1.85 -0.81 -3.14
C ASP A 221 2.54 -0.23 -4.37
N LEU A 222 2.90 -1.09 -5.33
CA LEU A 222 3.54 -0.66 -6.56
C LEU A 222 2.56 -0.66 -7.74
N GLY A 223 1.28 -0.56 -7.43
CA GLY A 223 0.25 -0.40 -8.44
C GLY A 223 -0.21 -1.64 -9.21
N TRP A 224 -0.01 -2.83 -8.65
CA TRP A 224 -0.52 -4.03 -9.30
C TRP A 224 -2.02 -4.12 -9.02
N LYS A 225 -2.81 -4.30 -10.06
CA LYS A 225 -4.27 -4.47 -9.91
C LYS A 225 -4.63 -5.85 -9.31
N PRO A 226 -5.17 -5.86 -8.07
CA PRO A 226 -5.57 -7.09 -7.37
C PRO A 226 -6.78 -7.69 -8.05
N ARG A 227 -6.67 -8.91 -8.54
CA ARG A 227 -7.81 -9.55 -9.19
C ARG A 227 -8.71 -10.24 -8.16
N TYR A 228 -8.24 -10.35 -6.92
CA TYR A 228 -9.01 -11.02 -5.86
C TYR A 228 -9.59 -12.34 -6.29
N GLY A 229 -8.76 -13.37 -6.31
CA GLY A 229 -9.17 -14.73 -6.61
C GLY A 229 -8.34 -15.65 -5.75
N ARG A 230 -8.21 -16.90 -6.16
CA ARG A 230 -7.46 -17.85 -5.35
C ARG A 230 -6.45 -18.62 -6.19
N PHE A 231 -6.32 -18.22 -7.43
CA PHE A 231 -5.24 -18.72 -8.26
C PHE A 231 -4.68 -17.64 -9.20
N ASP A 232 -4.60 -16.41 -8.69
CA ASP A 232 -4.05 -15.27 -9.42
C ASP A 232 -2.53 -15.30 -9.45
N VAL A 233 -1.95 -15.44 -10.64
CA VAL A 233 -0.50 -15.33 -10.75
C VAL A 233 -0.02 -13.92 -10.43
N LEU A 234 0.93 -13.82 -9.52
CA LEU A 234 1.52 -12.55 -9.13
C LEU A 234 2.46 -12.06 -10.20
N PRO A 235 2.69 -10.73 -10.26
CA PRO A 235 3.62 -10.08 -11.19
C PRO A 235 5.08 -10.27 -10.78
N LEU A 236 5.97 -10.32 -11.77
CA LEU A 236 7.40 -10.22 -11.48
C LEU A 236 7.68 -8.83 -10.94
N VAL A 237 8.45 -8.75 -9.87
CA VAL A 237 8.88 -7.45 -9.37
C VAL A 237 10.38 -7.37 -9.47
N LEU A 238 10.83 -6.64 -10.49
CA LEU A 238 12.22 -6.69 -10.93
C LEU A 238 13.02 -5.45 -10.53
N GLN A 239 14.19 -5.66 -9.93
CA GLN A 239 15.13 -4.59 -9.60
C GLN A 239 16.37 -4.86 -10.40
N ALA A 240 16.82 -3.87 -11.17
CA ALA A 240 18.02 -4.02 -12.00
C ALA A 240 19.06 -2.92 -11.75
N ASP A 241 20.34 -3.30 -11.68
CA ASP A 241 21.44 -2.35 -11.47
C ASP A 241 21.15 -1.45 -10.28
N GLY A 242 20.76 -2.04 -9.17
CA GLY A 242 20.43 -1.28 -7.98
C GLY A 242 19.16 -0.43 -7.99
N GLN A 243 18.51 -0.28 -9.15
CA GLN A 243 17.40 0.68 -9.27
C GLN A 243 16.06 0.17 -8.77
N ASP A 244 15.22 1.07 -8.28
CA ASP A 244 13.88 0.71 -7.79
C ASP A 244 13.23 -0.35 -8.70
N PRO A 245 12.49 -1.29 -8.10
CA PRO A 245 11.91 -2.41 -8.84
C PRO A 245 10.70 -1.99 -9.65
N GLU A 246 10.66 -2.34 -10.93
CA GLU A 246 9.50 -2.09 -11.76
C GLU A 246 8.65 -3.38 -11.79
N VAL A 247 7.35 -3.20 -11.93
CA VAL A 247 6.40 -4.32 -11.91
C VAL A 247 6.02 -4.79 -13.31
N PHE A 248 6.14 -6.10 -13.56
CA PHE A 248 5.71 -6.68 -14.83
C PHE A 248 4.71 -7.84 -14.61
N GLU A 249 3.64 -7.86 -15.40
CA GLU A 249 2.62 -8.91 -15.34
C GLU A 249 3.09 -10.08 -16.19
N ILE A 250 2.80 -11.31 -15.78
CA ILE A 250 3.26 -12.44 -16.55
C ILE A 250 2.26 -12.84 -17.65
N PRO A 251 2.74 -12.90 -18.91
CA PRO A 251 1.89 -13.18 -20.07
C PRO A 251 1.20 -14.54 -19.90
N PRO A 252 -0.12 -14.53 -19.61
CA PRO A 252 -0.80 -15.75 -19.13
C PRO A 252 -0.61 -16.94 -20.06
N ASP A 253 -0.19 -16.69 -21.30
CA ASP A 253 0.14 -17.73 -22.25
C ASP A 253 1.31 -18.59 -21.78
N LEU A 254 2.18 -18.04 -20.94
CA LEU A 254 3.37 -18.77 -20.49
C LEU A 254 3.15 -19.62 -19.23
N VAL A 255 2.36 -19.13 -18.29
CA VAL A 255 1.99 -19.88 -17.11
C VAL A 255 1.10 -21.06 -17.44
N LEU A 256 1.68 -22.26 -17.47
CA LEU A 256 0.92 -23.49 -17.65
C LEU A 256 0.45 -24.03 -16.29
N GLU A 257 -0.84 -24.36 -16.20
CA GLU A 257 -1.41 -24.81 -14.94
C GLU A 257 -2.03 -26.22 -15.05
N VAL A 258 -2.12 -26.92 -13.92
CA VAL A 258 -2.75 -28.23 -13.91
C VAL A 258 -4.01 -28.20 -13.07
N THR A 259 -5.15 -28.49 -13.69
CA THR A 259 -6.40 -28.55 -12.95
C THR A 259 -6.53 -29.87 -12.19
N MET A 260 -7.04 -29.79 -10.97
CA MET A 260 -7.04 -30.95 -10.09
C MET A 260 -8.34 -31.77 -10.12
N GLU A 261 -8.20 -32.96 -10.70
CA GLU A 261 -9.23 -33.99 -10.64
C GLU A 261 -8.73 -35.32 -10.03
N HIS A 262 -9.54 -35.92 -9.14
CA HIS A 262 -9.28 -37.26 -8.62
C HIS A 262 -9.76 -38.27 -9.64
N PRO A 263 -9.24 -39.51 -9.55
CA PRO A 263 -9.61 -40.47 -10.59
C PRO A 263 -10.74 -41.39 -10.13
N LYS A 264 -11.39 -41.04 -9.02
CA LYS A 264 -12.54 -41.80 -8.52
C LYS A 264 -13.50 -40.67 -8.18
N TYR A 265 -13.14 -39.85 -7.22
CA TYR A 265 -14.03 -38.97 -6.48
C TYR A 265 -14.29 -37.86 -7.48
N GLU A 266 -15.36 -37.99 -8.24
CA GLU A 266 -15.66 -37.02 -9.28
C GLU A 266 -15.97 -35.67 -8.65
N TRP A 267 -16.34 -35.69 -7.38
CA TRP A 267 -16.60 -34.48 -6.60
C TRP A 267 -15.31 -33.70 -6.32
N PHE A 268 -14.17 -34.24 -6.75
CA PHE A 268 -12.88 -33.61 -6.43
C PHE A 268 -12.60 -32.40 -7.33
N GLN A 269 -13.13 -32.42 -8.56
CA GLN A 269 -13.05 -31.24 -9.42
C GLN A 269 -13.97 -30.12 -8.92
N GLU A 270 -15.07 -30.49 -8.27
CA GLU A 270 -15.98 -29.52 -7.70
C GLU A 270 -15.18 -28.62 -6.74
N LEU A 271 -14.02 -29.11 -6.32
CA LEU A 271 -13.17 -28.36 -5.43
C LEU A 271 -12.57 -27.15 -6.15
N GLY A 272 -12.40 -27.27 -7.45
CA GLY A 272 -11.96 -26.16 -8.29
C GLY A 272 -10.50 -25.85 -8.14
N LEU A 273 -9.69 -26.89 -7.90
CA LEU A 273 -8.27 -26.77 -7.58
C LEU A 273 -7.39 -26.79 -8.81
N LYS A 274 -6.31 -26.02 -8.78
CA LYS A 274 -5.25 -26.13 -9.77
C LYS A 274 -3.91 -25.67 -9.17
N TRP A 275 -2.79 -26.11 -9.74
CA TRP A 275 -1.50 -25.51 -9.40
C TRP A 275 -0.67 -25.20 -10.65
N TYR A 276 0.25 -24.24 -10.54
CA TYR A 276 1.17 -23.93 -11.65
C TYR A 276 2.18 -25.06 -11.81
N ALA A 277 2.59 -25.32 -13.05
CA ALA A 277 3.42 -26.49 -13.34
C ALA A 277 4.92 -26.28 -13.10
N LEU A 278 5.35 -25.03 -13.03
CA LEU A 278 6.77 -24.74 -12.99
C LEU A 278 7.22 -24.30 -11.61
N PRO A 279 8.02 -25.13 -10.94
CA PRO A 279 8.58 -24.73 -9.66
C PRO A 279 9.91 -24.01 -9.94
N ALA A 280 9.89 -22.68 -9.94
CA ALA A 280 11.06 -21.90 -10.29
C ALA A 280 11.39 -20.91 -9.19
N VAL A 281 12.39 -21.26 -8.37
CA VAL A 281 12.79 -20.44 -7.23
C VAL A 281 13.58 -19.25 -7.70
N ALA A 282 13.14 -18.08 -7.26
CA ALA A 282 13.55 -16.84 -7.89
C ALA A 282 14.51 -15.97 -7.09
N ASN A 283 14.66 -16.23 -5.80
CA ASN A 283 15.26 -15.21 -4.95
C ASN A 283 16.57 -15.56 -4.25
N MET A 284 17.24 -16.59 -4.73
CA MET A 284 18.47 -17.05 -4.11
C MET A 284 19.72 -16.51 -4.79
N LEU A 285 20.84 -16.54 -4.08
CA LEU A 285 22.08 -15.96 -4.58
C LEU A 285 23.10 -17.02 -4.90
N LEU A 286 23.74 -16.92 -6.05
CA LEU A 286 24.85 -17.82 -6.34
C LEU A 286 26.20 -17.25 -5.90
N GLU A 287 26.97 -18.07 -5.21
CA GLU A 287 28.30 -17.74 -4.79
C GLU A 287 29.25 -18.70 -5.49
N VAL A 288 30.24 -18.17 -6.18
CA VAL A 288 31.22 -19.00 -6.87
C VAL A 288 32.53 -18.23 -6.98
N GLY A 289 33.65 -18.91 -6.75
CA GLY A 289 34.98 -18.32 -6.77
C GLY A 289 35.09 -16.93 -6.17
N GLY A 290 34.35 -16.69 -5.09
CA GLY A 290 34.37 -15.38 -4.47
C GLY A 290 33.36 -14.39 -5.02
N LEU A 291 32.86 -14.67 -6.22
CA LEU A 291 31.82 -13.86 -6.86
C LEU A 291 30.46 -14.14 -6.25
N GLU A 292 29.53 -13.22 -6.44
CA GLU A 292 28.14 -13.40 -5.99
C GLU A 292 27.13 -12.92 -7.02
N PHE A 293 26.19 -13.78 -7.43
CA PHE A 293 25.08 -13.36 -8.29
C PHE A 293 23.74 -13.38 -7.55
N PRO A 294 23.30 -12.22 -7.04
CA PRO A 294 22.08 -12.13 -6.23
C PRO A 294 20.80 -12.17 -7.09
N ALA A 295 20.89 -12.81 -8.24
CA ALA A 295 19.76 -12.94 -9.15
C ALA A 295 20.12 -14.01 -10.14
N CYS A 296 19.56 -15.19 -9.95
CA CYS A 296 19.88 -16.32 -10.81
C CYS A 296 18.80 -17.39 -10.86
N PRO A 297 17.52 -16.98 -10.96
CA PRO A 297 16.39 -17.92 -10.91
C PRO A 297 16.62 -19.29 -11.57
N PHE A 298 16.16 -20.32 -10.90
CA PHE A 298 16.31 -21.66 -11.45
C PHE A 298 15.05 -22.49 -11.29
N ASN A 299 15.03 -23.63 -11.95
CA ASN A 299 13.87 -24.50 -11.89
C ASN A 299 14.26 -25.95 -12.14
N GLY A 300 13.55 -26.85 -11.44
CA GLY A 300 13.54 -28.25 -11.81
C GLY A 300 12.12 -28.57 -12.23
N TRP A 301 11.55 -29.59 -11.61
CA TRP A 301 10.12 -29.86 -11.73
C TRP A 301 9.61 -30.22 -10.36
N TYR A 302 8.31 -30.51 -10.28
CA TYR A 302 7.66 -30.76 -9.00
C TYR A 302 7.76 -32.19 -8.53
N MET A 303 7.80 -32.36 -7.23
CA MET A 303 7.63 -33.64 -6.58
C MET A 303 6.26 -33.46 -5.95
N GLY A 304 5.38 -34.44 -6.15
CA GLY A 304 3.98 -34.26 -5.84
C GLY A 304 3.64 -33.68 -4.49
N THR A 305 4.30 -34.18 -3.46
CA THR A 305 3.97 -33.82 -2.10
C THR A 305 4.05 -32.31 -1.88
N GLU A 306 4.84 -31.65 -2.74
CA GLU A 306 5.07 -30.22 -2.61
C GLU A 306 3.75 -29.46 -2.69
N ILE A 307 2.94 -29.91 -3.63
CA ILE A 307 1.65 -29.32 -3.94
C ILE A 307 0.58 -29.98 -3.08
N GLY A 308 0.53 -31.31 -3.15
CA GLY A 308 -0.50 -32.08 -2.50
C GLY A 308 -0.50 -32.00 -0.99
N VAL A 309 0.67 -31.79 -0.40
CA VAL A 309 0.78 -31.83 1.05
C VAL A 309 1.08 -30.45 1.66
N ARG A 310 2.03 -29.74 1.07
CA ARG A 310 2.42 -28.46 1.67
C ARG A 310 1.57 -27.30 1.18
N ASP A 311 1.54 -27.10 -0.13
CA ASP A 311 0.70 -26.06 -0.71
C ASP A 311 -0.79 -26.27 -0.46
N PHE A 312 -1.25 -27.53 -0.50
CA PHE A 312 -2.69 -27.74 -0.27
C PHE A 312 -3.07 -27.96 1.19
N CYS A 313 -2.19 -28.59 1.95
CA CYS A 313 -2.61 -29.03 3.28
C CYS A 313 -2.03 -28.26 4.46
N ASP A 314 -1.05 -27.38 4.23
CA ASP A 314 -0.57 -26.58 5.34
C ASP A 314 -1.60 -25.58 5.84
N THR A 315 -1.82 -25.58 7.15
CA THR A 315 -2.62 -24.56 7.82
C THR A 315 -2.25 -23.17 7.34
N GLN A 316 -0.98 -22.98 6.99
CA GLN A 316 -0.46 -21.67 6.61
C GLN A 316 -0.79 -21.33 5.14
N ARG A 317 -1.30 -22.34 4.45
CA ARG A 317 -1.43 -22.30 3.03
C ARG A 317 -2.93 -22.48 2.87
N TYR A 318 -3.20 -23.31 1.80
CA TYR A 318 -4.51 -23.34 1.17
C TYR A 318 -5.44 -24.14 2.06
N ASN A 319 -4.90 -24.94 2.95
CA ASN A 319 -5.69 -25.63 3.97
C ASN A 319 -6.96 -26.31 3.51
N ILE A 320 -6.85 -27.28 2.60
CA ILE A 320 -8.04 -27.95 2.12
C ILE A 320 -8.39 -29.17 2.97
N LEU A 321 -7.49 -29.56 3.85
CA LEU A 321 -7.59 -30.86 4.50
C LEU A 321 -8.99 -31.19 5.07
N GLU A 322 -9.61 -30.24 5.76
CA GLU A 322 -10.94 -30.46 6.31
C GLU A 322 -12.01 -30.66 5.19
N GLU A 323 -12.00 -29.78 4.19
CA GLU A 323 -12.95 -29.86 3.08
C GLU A 323 -12.88 -31.22 2.38
N VAL A 324 -11.67 -31.73 2.18
CA VAL A 324 -11.51 -33.00 1.49
C VAL A 324 -12.00 -34.15 2.36
N GLY A 325 -11.64 -34.11 3.64
CA GLY A 325 -12.11 -35.11 4.57
C GLY A 325 -13.63 -35.18 4.63
N ARG A 326 -14.27 -34.01 4.77
CA ARG A 326 -15.72 -33.96 4.84
C ARG A 326 -16.37 -34.66 3.65
N ARG A 327 -15.83 -34.45 2.45
CA ARG A 327 -16.41 -35.07 1.25
C ARG A 327 -16.12 -36.57 1.21
N MET A 328 -15.41 -37.08 2.21
CA MET A 328 -15.10 -38.50 2.25
C MET A 328 -15.94 -39.22 3.27
N GLY A 329 -16.86 -38.48 3.90
CA GLY A 329 -17.62 -38.96 5.04
C GLY A 329 -16.72 -39.55 6.12
N LEU A 330 -15.85 -38.70 6.64
CA LEU A 330 -14.82 -39.14 7.56
C LEU A 330 -15.07 -38.52 8.92
N GLU A 331 -14.65 -39.21 9.98
CA GLU A 331 -14.83 -38.68 11.34
C GLU A 331 -13.86 -37.53 11.49
N THR A 332 -14.37 -36.34 11.20
CA THR A 332 -13.55 -35.16 10.99
C THR A 332 -13.29 -34.41 12.30
N HIS A 333 -14.08 -34.72 13.31
CA HIS A 333 -13.94 -34.11 14.63
C HIS A 333 -13.36 -35.09 15.65
N THR A 334 -12.98 -36.27 15.18
CA THR A 334 -12.26 -37.24 16.01
C THR A 334 -10.82 -37.41 15.50
N LEU A 335 -9.85 -36.80 16.17
CA LEU A 335 -8.49 -36.77 15.64
C LEU A 335 -7.92 -38.20 15.50
N ALA A 336 -8.31 -39.09 16.40
CA ALA A 336 -7.72 -40.42 16.40
C ALA A 336 -8.23 -41.27 15.22
N SER A 337 -9.29 -40.79 14.59
CA SER A 337 -9.90 -41.46 13.46
C SER A 337 -8.90 -41.75 12.35
N LEU A 338 -7.80 -41.00 12.36
CA LEU A 338 -6.76 -41.05 11.32
C LEU A 338 -7.20 -40.49 9.97
N TRP A 339 -8.24 -39.67 9.98
CA TRP A 339 -8.85 -39.22 8.74
C TRP A 339 -7.93 -38.32 7.93
N LYS A 340 -6.99 -37.66 8.60
CA LYS A 340 -6.01 -36.84 7.88
C LYS A 340 -5.12 -37.74 7.03
N ASP A 341 -4.67 -38.84 7.61
CA ASP A 341 -3.92 -39.83 6.86
C ASP A 341 -4.63 -40.34 5.59
N ARG A 342 -5.96 -40.32 5.60
CA ARG A 342 -6.73 -40.87 4.48
C ARG A 342 -6.90 -39.83 3.36
N ALA A 343 -7.22 -38.62 3.77
CA ALA A 343 -7.45 -37.50 2.85
C ALA A 343 -6.16 -37.07 2.18
N VAL A 344 -5.14 -36.78 2.98
CA VAL A 344 -3.85 -36.40 2.44
C VAL A 344 -3.46 -37.33 1.31
N THR A 345 -3.59 -38.63 1.53
CA THR A 345 -3.18 -39.61 0.54
C THR A 345 -3.97 -39.47 -0.77
N GLU A 346 -5.27 -39.24 -0.67
CA GLU A 346 -6.07 -39.07 -1.86
C GLU A 346 -5.73 -37.75 -2.60
N ILE A 347 -5.47 -36.70 -1.84
CA ILE A 347 -5.06 -35.43 -2.43
C ILE A 347 -3.78 -35.59 -3.26
N ASN A 348 -2.86 -36.41 -2.77
CA ASN A 348 -1.65 -36.70 -3.52
C ASN A 348 -1.96 -37.47 -4.78
N VAL A 349 -2.75 -38.53 -4.61
CA VAL A 349 -3.19 -39.34 -5.74
C VAL A 349 -3.75 -38.41 -6.84
N ALA A 350 -4.49 -37.40 -6.41
CA ALA A 350 -5.14 -36.47 -7.32
C ALA A 350 -4.10 -35.68 -8.09
N VAL A 351 -3.19 -35.05 -7.35
CA VAL A 351 -2.13 -34.24 -7.94
C VAL A 351 -1.35 -35.06 -8.94
N LEU A 352 -0.82 -36.19 -8.47
CA LEU A 352 -0.07 -37.08 -9.34
C LEU A 352 -0.89 -37.39 -10.59
N HIS A 353 -2.14 -37.79 -10.41
CA HIS A 353 -2.95 -38.24 -11.53
C HIS A 353 -3.20 -37.09 -12.50
N SER A 354 -3.47 -35.91 -11.95
CA SER A 354 -3.71 -34.73 -12.78
C SER A 354 -2.50 -34.31 -13.64
N PHE A 355 -1.29 -34.49 -13.13
CA PHE A 355 -0.11 -34.20 -13.92
C PHE A 355 0.05 -35.22 -15.06
N GLN A 356 -0.03 -36.50 -14.74
CA GLN A 356 0.21 -37.51 -15.78
C GLN A 356 -0.79 -37.43 -16.93
N LYS A 357 -2.04 -37.24 -16.57
CA LYS A 357 -3.11 -36.99 -17.49
C LYS A 357 -2.66 -36.01 -18.50
N GLN A 358 -2.41 -34.82 -18.00
CA GLN A 358 -2.20 -33.58 -18.74
C GLN A 358 -0.76 -33.47 -19.25
N ASN A 359 -0.02 -34.57 -19.20
CA ASN A 359 1.38 -34.65 -19.68
C ASN A 359 2.34 -33.61 -19.11
N VAL A 360 2.19 -33.37 -17.81
CA VAL A 360 3.10 -32.51 -17.07
C VAL A 360 4.07 -33.34 -16.25
N THR A 361 5.34 -33.09 -16.50
CA THR A 361 6.41 -33.75 -15.76
C THR A 361 6.22 -33.70 -14.24
N ILE A 362 6.31 -34.85 -13.62
CA ILE A 362 6.26 -34.90 -12.18
C ILE A 362 6.82 -36.23 -11.67
N MET A 363 7.26 -36.23 -10.43
CA MET A 363 7.80 -37.41 -9.76
C MET A 363 7.23 -37.50 -8.35
N ASP A 364 6.83 -38.69 -7.95
CA ASP A 364 6.25 -38.86 -6.63
C ASP A 364 7.38 -39.01 -5.62
N HIS A 365 7.10 -38.64 -4.37
CA HIS A 365 8.11 -38.64 -3.32
C HIS A 365 8.78 -39.99 -3.06
N HIS A 366 8.05 -41.09 -3.27
CA HIS A 366 8.68 -42.41 -3.09
C HIS A 366 9.77 -42.63 -4.12
N THR A 367 9.41 -42.38 -5.38
CA THR A 367 10.32 -42.53 -6.50
C THR A 367 11.49 -41.58 -6.31
N ALA A 368 11.17 -40.36 -5.85
CA ALA A 368 12.15 -39.34 -5.54
C ALA A 368 13.15 -39.82 -4.49
N SER A 369 12.64 -40.43 -3.42
CA SER A 369 13.55 -40.89 -2.39
C SER A 369 14.46 -41.98 -2.92
N GLU A 370 13.94 -42.93 -3.67
CA GLU A 370 14.82 -44.00 -4.14
C GLU A 370 15.90 -43.42 -5.05
N SER A 371 15.51 -42.41 -5.81
CA SER A 371 16.43 -41.76 -6.73
C SER A 371 17.55 -41.05 -5.95
N PHE A 372 17.16 -40.17 -5.04
CA PHE A 372 18.16 -39.47 -4.28
C PHE A 372 19.18 -40.43 -3.69
N MET A 373 18.69 -41.55 -3.20
CA MET A 373 19.55 -42.55 -2.60
C MET A 373 20.63 -43.00 -3.56
N LYS A 374 20.22 -43.35 -4.79
CA LYS A 374 21.16 -43.73 -5.84
C LYS A 374 22.19 -42.64 -6.01
N HIS A 375 21.70 -41.40 -6.06
CA HIS A 375 22.56 -40.24 -6.19
C HIS A 375 23.63 -40.22 -5.11
N MET A 376 23.16 -40.32 -3.87
CA MET A 376 23.99 -40.24 -2.68
C MET A 376 25.06 -41.30 -2.74
N GLN A 377 24.65 -42.52 -3.00
CA GLN A 377 25.61 -43.59 -3.21
C GLN A 377 26.60 -43.14 -4.27
N ASN A 378 26.11 -42.68 -5.41
CA ASN A 378 26.96 -42.23 -6.51
C ASN A 378 27.98 -41.22 -6.05
N GLU A 379 27.49 -40.15 -5.41
CA GLU A 379 28.33 -39.11 -4.83
C GLU A 379 29.50 -39.61 -3.95
N TYR A 380 29.24 -40.53 -3.03
CA TYR A 380 30.29 -41.00 -2.11
C TYR A 380 31.40 -41.79 -2.82
N ARG A 381 31.01 -42.59 -3.82
CA ARG A 381 31.98 -43.31 -4.62
C ARG A 381 32.73 -42.25 -5.45
N ALA A 382 31.99 -41.22 -5.85
CA ALA A 382 32.47 -40.21 -6.78
C ALA A 382 33.46 -39.27 -6.12
N ARG A 383 33.02 -38.63 -5.06
CA ARG A 383 33.84 -37.64 -4.39
C ARG A 383 33.66 -37.66 -2.87
N GLY A 384 33.41 -38.86 -2.34
CA GLY A 384 33.43 -39.11 -0.91
C GLY A 384 32.67 -38.11 -0.05
N GLY A 385 31.37 -38.03 -0.28
CA GLY A 385 30.53 -37.15 0.51
C GLY A 385 29.33 -36.66 -0.29
N CYS A 386 28.38 -36.04 0.41
CA CYS A 386 27.24 -35.41 -0.21
C CYS A 386 26.57 -34.47 0.80
N PRO A 387 26.79 -33.16 0.68
CA PRO A 387 26.07 -32.34 1.66
C PRO A 387 24.59 -32.74 1.66
N ALA A 388 23.95 -32.76 2.81
CA ALA A 388 22.59 -33.27 2.85
C ALA A 388 21.85 -32.98 4.16
N ASP A 389 20.76 -32.23 4.05
CA ASP A 389 19.98 -31.85 5.23
C ASP A 389 18.71 -32.74 5.40
N TRP A 390 18.83 -33.69 6.31
CA TRP A 390 17.82 -34.66 6.62
C TRP A 390 16.46 -34.02 6.75
N ILE A 391 16.42 -32.95 7.53
CA ILE A 391 15.17 -32.27 7.85
C ILE A 391 14.46 -31.94 6.55
N TRP A 392 15.22 -31.53 5.54
CA TRP A 392 14.62 -31.12 4.28
C TRP A 392 14.41 -32.26 3.27
N LEU A 393 15.28 -33.26 3.32
CA LEU A 393 15.28 -34.32 2.32
C LEU A 393 14.24 -35.40 2.61
N VAL A 394 13.62 -35.34 3.78
CA VAL A 394 12.60 -36.32 4.10
C VAL A 394 11.28 -35.66 3.80
N PRO A 395 10.42 -36.36 3.06
CA PRO A 395 9.15 -35.78 2.60
C PRO A 395 8.15 -35.62 3.74
N PRO A 396 7.22 -34.65 3.63
CA PRO A 396 6.33 -34.25 4.72
C PRO A 396 5.23 -35.27 5.02
N VAL A 397 5.15 -36.37 4.26
CA VAL A 397 4.30 -37.52 4.56
C VAL A 397 5.17 -38.73 4.24
N SER A 398 4.87 -39.87 4.87
CA SER A 398 5.52 -41.16 4.59
C SER A 398 6.96 -41.30 5.09
N GLY A 399 7.40 -40.41 5.98
CA GLY A 399 8.77 -40.43 6.50
C GLY A 399 9.48 -41.77 6.58
N SER A 400 9.15 -42.56 7.60
CA SER A 400 9.71 -43.90 7.82
C SER A 400 9.72 -44.75 6.54
N ILE A 401 8.67 -44.61 5.73
CA ILE A 401 8.46 -45.41 4.53
C ILE A 401 9.41 -45.13 3.36
N THR A 402 10.07 -43.96 3.36
CA THR A 402 11.09 -43.72 2.33
C THR A 402 12.47 -44.08 2.84
N PRO A 403 13.40 -44.42 1.95
CA PRO A 403 14.76 -44.78 2.37
C PRO A 403 15.54 -43.63 3.06
N VAL A 404 15.42 -42.40 2.57
CA VAL A 404 16.19 -41.31 3.13
C VAL A 404 16.00 -41.09 4.65
N PHE A 405 14.90 -41.58 5.20
CA PHE A 405 14.64 -41.46 6.63
C PHE A 405 15.67 -42.24 7.45
N HIS A 406 16.01 -43.42 6.95
CA HIS A 406 16.93 -44.30 7.63
C HIS A 406 18.39 -44.00 7.32
N GLN A 407 18.62 -43.02 6.48
CA GLN A 407 19.98 -42.67 6.11
C GLN A 407 20.53 -41.55 6.96
N GLU A 408 21.54 -41.85 7.79
CA GLU A 408 22.28 -40.78 8.47
C GLU A 408 23.01 -39.93 7.43
N MET A 409 22.97 -38.61 7.58
CA MET A 409 23.62 -37.72 6.64
C MET A 409 24.24 -36.50 7.32
N LEU A 410 25.32 -35.98 6.74
CA LEU A 410 25.97 -34.74 7.22
C LEU A 410 25.57 -33.51 6.37
N ASN A 411 25.32 -32.39 7.02
CA ASN A 411 24.90 -31.18 6.32
C ASN A 411 26.00 -30.12 6.32
N TYR A 412 26.70 -29.98 5.20
CA TYR A 412 27.73 -28.96 5.12
C TYR A 412 27.63 -27.99 3.90
N VAL A 413 28.10 -26.77 4.11
CA VAL A 413 28.09 -25.75 3.06
C VAL A 413 29.42 -25.68 2.29
N LEU A 414 29.37 -25.97 1.00
CA LEU A 414 30.55 -25.94 0.15
C LEU A 414 30.46 -24.74 -0.76
N SER A 415 31.30 -24.75 -1.81
CA SER A 415 31.28 -23.71 -2.83
C SER A 415 31.61 -24.35 -4.17
N PRO A 416 30.93 -23.92 -5.24
CA PRO A 416 29.86 -22.91 -5.20
C PRO A 416 28.60 -23.38 -4.47
N PHE A 417 27.68 -22.46 -4.24
CA PHE A 417 26.59 -22.72 -3.33
C PHE A 417 25.42 -21.76 -3.58
N TYR A 418 24.19 -22.20 -3.27
CA TYR A 418 23.04 -21.31 -3.41
C TYR A 418 22.52 -20.80 -2.08
N TYR A 419 22.79 -19.52 -1.80
CA TYR A 419 22.49 -18.92 -0.51
C TYR A 419 21.12 -18.28 -0.51
N TYR A 420 20.50 -18.24 0.67
CA TYR A 420 19.33 -17.40 0.88
C TYR A 420 19.81 -15.96 0.97
N GLN A 421 18.87 -15.02 0.95
CA GLN A 421 19.20 -13.60 1.02
C GLN A 421 18.15 -12.87 1.86
N ILE A 422 18.56 -11.79 2.50
CA ILE A 422 17.64 -10.92 3.21
C ILE A 422 16.61 -10.34 2.26
N GLU A 423 15.35 -10.38 2.67
CA GLU A 423 14.27 -9.90 1.84
C GLU A 423 14.59 -8.50 1.34
N PRO A 424 14.60 -8.33 0.02
CA PRO A 424 14.91 -7.10 -0.69
C PRO A 424 14.31 -5.84 -0.10
N TRP A 425 13.05 -5.87 0.32
CA TRP A 425 12.41 -4.65 0.82
C TRP A 425 12.87 -4.33 2.24
N LYS A 426 13.60 -5.25 2.86
CA LYS A 426 14.11 -4.97 4.18
C LYS A 426 15.38 -4.13 4.11
N THR A 427 15.97 -4.00 2.92
CA THR A 427 17.28 -3.35 2.79
C THR A 427 17.42 -2.31 1.68
N HIS A 428 16.59 -2.45 0.64
CA HIS A 428 16.67 -1.54 -0.52
C HIS A 428 16.24 -0.11 -0.19
N ILE A 429 16.97 0.86 -0.73
CA ILE A 429 16.66 2.27 -0.52
C ILE A 429 16.06 2.89 -1.78
N TRP A 430 14.68 3.26 -1.74
CA TRP A 430 13.97 3.87 -2.87
C TRP A 430 13.99 5.41 -2.90
N GLN B 12 2.43 27.83 -22.93
CA GLN B 12 1.96 26.46 -22.86
C GLN B 12 0.41 26.38 -22.81
N TYR B 13 -0.11 25.51 -21.95
CA TYR B 13 -1.55 25.31 -21.83
C TYR B 13 -2.08 25.50 -20.41
N VAL B 14 -3.37 25.22 -20.22
CA VAL B 14 -4.00 25.32 -18.92
C VAL B 14 -4.73 24.03 -18.62
N ARG B 15 -4.34 23.39 -17.52
CA ARG B 15 -4.91 22.13 -17.10
C ARG B 15 -6.31 22.39 -16.61
N ILE B 16 -7.29 21.83 -17.32
CA ILE B 16 -8.71 21.93 -16.96
C ILE B 16 -9.22 20.57 -16.52
N LYS B 17 -9.98 20.52 -15.44
CA LYS B 17 -10.44 19.21 -14.95
C LYS B 17 -11.96 19.02 -14.83
N ASN B 18 -12.40 17.84 -15.27
CA ASN B 18 -13.77 17.42 -15.04
C ASN B 18 -13.81 16.52 -13.82
N TRP B 19 -14.63 16.87 -12.84
CA TRP B 19 -14.58 16.18 -11.56
C TRP B 19 -15.48 14.96 -11.45
N GLY B 20 -16.53 14.90 -12.27
CA GLY B 20 -17.32 13.70 -12.35
C GLY B 20 -16.51 12.61 -13.01
N SER B 21 -15.79 12.98 -14.07
CA SER B 21 -15.11 12.02 -14.93
C SER B 21 -13.68 11.74 -14.51
N GLY B 22 -13.01 12.72 -13.92
CA GLY B 22 -11.59 12.63 -13.63
C GLY B 22 -10.76 13.06 -14.82
N GLU B 23 -11.43 13.16 -15.95
CA GLU B 23 -10.81 13.50 -17.22
C GLU B 23 -10.21 14.92 -17.21
N ILE B 24 -9.01 15.04 -17.77
CA ILE B 24 -8.33 16.33 -17.84
C ILE B 24 -8.22 16.80 -19.29
N LEU B 25 -8.37 18.11 -19.49
CA LEU B 25 -8.20 18.72 -20.81
C LEU B 25 -7.18 19.84 -20.73
N HIS B 26 -6.50 20.12 -21.84
CA HIS B 26 -5.49 21.18 -21.88
C HIS B 26 -5.92 22.28 -22.85
N ASP B 27 -6.23 23.47 -22.33
CA ASP B 27 -6.76 24.60 -23.14
C ASP B 27 -5.67 25.45 -23.84
N THR B 28 -5.64 25.35 -25.16
CA THR B 28 -4.67 26.08 -25.96
C THR B 28 -5.28 27.35 -26.54
N LEU B 29 -6.58 27.31 -26.79
CA LEU B 29 -7.31 28.39 -27.45
C LEU B 29 -7.33 29.75 -26.73
N HIS B 30 -7.39 29.73 -25.40
CA HIS B 30 -7.41 30.98 -24.63
C HIS B 30 -6.24 31.92 -24.98
N HIS B 31 -5.25 31.41 -25.67
CA HIS B 31 -4.21 32.30 -26.10
C HIS B 31 -4.65 33.23 -27.18
N LYS B 32 -5.60 32.80 -27.98
CA LYS B 32 -6.10 33.66 -29.04
C LYS B 32 -7.03 34.68 -28.41
N ALA B 33 -7.19 34.59 -27.09
CA ALA B 33 -8.08 35.52 -26.41
C ALA B 33 -7.71 36.98 -26.68
N THR B 34 -8.67 37.85 -26.47
CA THR B 34 -8.51 39.25 -26.80
C THR B 34 -8.19 40.11 -25.57
N SER B 35 -7.23 41.01 -25.71
CA SER B 35 -6.79 41.88 -24.62
C SER B 35 -7.95 42.58 -23.92
N CYS B 44 -9.75 34.54 -17.46
CA CYS B 44 -10.47 34.55 -16.19
C CYS B 44 -10.78 33.13 -15.66
N LEU B 45 -9.95 32.67 -14.73
CA LEU B 45 -10.05 31.30 -14.20
C LEU B 45 -11.21 31.13 -13.20
N GLY B 46 -12.43 31.08 -13.72
CA GLY B 46 -13.62 30.88 -12.93
C GLY B 46 -14.08 29.45 -13.05
N SER B 47 -14.76 28.98 -12.03
CA SER B 47 -14.98 27.56 -11.86
C SER B 47 -13.98 26.49 -11.59
N ILE B 48 -12.72 26.76 -11.35
CA ILE B 48 -11.77 25.64 -11.23
C ILE B 48 -11.65 25.60 -9.72
N MET B 49 -11.33 24.39 -9.29
CA MET B 49 -11.60 23.83 -7.97
C MET B 49 -10.42 24.02 -7.03
N ASN B 50 -9.21 24.02 -7.58
CA ASN B 50 -8.05 24.26 -6.74
C ASN B 50 -7.03 25.16 -7.41
N PRO B 51 -7.38 26.44 -7.56
CA PRO B 51 -6.46 27.46 -8.05
C PRO B 51 -5.25 27.60 -7.13
N LYS B 52 -4.08 27.80 -7.72
CA LYS B 52 -2.89 28.18 -6.97
C LYS B 52 -3.19 29.40 -6.08
N SER B 53 -3.99 30.33 -6.59
CA SER B 53 -4.33 31.51 -5.82
C SER B 53 -5.01 31.21 -4.48
N LEU B 54 -5.52 29.98 -4.33
CA LEU B 54 -6.21 29.56 -3.10
C LEU B 54 -5.42 28.52 -2.32
N THR B 55 -4.15 28.38 -2.65
CA THR B 55 -3.30 27.43 -1.98
C THR B 55 -2.12 28.15 -1.34
N ARG B 56 -1.72 27.66 -0.16
CA ARG B 56 -0.51 28.11 0.52
C ARG B 56 0.26 26.85 0.77
N GLY B 57 1.15 26.50 -0.16
CA GLY B 57 1.90 25.28 -0.07
C GLY B 57 3.04 25.28 0.97
N PRO B 58 3.87 24.24 0.92
CA PRO B 58 4.99 23.94 1.83
C PRO B 58 6.09 25.02 1.88
N ARG B 59 6.96 24.94 2.89
CA ARG B 59 8.19 25.74 2.97
C ARG B 59 9.39 24.85 3.36
N ASP B 60 10.59 25.42 3.33
CA ASP B 60 11.77 24.74 3.89
C ASP B 60 12.62 25.70 4.73
N LYS B 61 12.12 26.92 4.89
CA LYS B 61 12.77 27.97 5.69
C LYS B 61 11.66 28.86 6.24
N PRO B 62 11.94 29.60 7.32
CA PRO B 62 10.92 30.49 7.89
C PRO B 62 10.60 31.64 6.93
N THR B 63 9.54 32.37 7.23
CA THR B 63 9.10 33.46 6.37
C THR B 63 10.07 34.63 6.41
N PRO B 64 10.60 35.05 5.25
CA PRO B 64 11.49 36.22 5.17
C PRO B 64 10.90 37.40 5.92
N LEU B 65 11.74 38.18 6.59
CA LEU B 65 11.24 39.31 7.36
C LEU B 65 10.57 40.29 6.44
N GLU B 66 11.27 40.62 5.36
CA GLU B 66 10.76 41.40 4.25
C GLU B 66 9.26 41.19 4.03
N GLU B 67 8.86 39.92 3.96
CA GLU B 67 7.48 39.55 3.67
C GLU B 67 6.63 39.57 4.96
N LEU B 68 7.15 39.03 6.05
CA LEU B 68 6.34 38.82 7.26
C LEU B 68 6.05 40.04 8.17
N LEU B 69 7.03 40.91 8.38
CA LEU B 69 6.78 42.10 9.19
C LEU B 69 5.64 42.99 8.72
N PRO B 70 5.60 43.34 7.41
CA PRO B 70 4.51 44.19 6.90
C PRO B 70 3.14 43.56 7.12
N HIS B 71 3.06 42.25 6.87
CA HIS B 71 1.86 41.47 7.10
C HIS B 71 1.41 41.50 8.57
N ALA B 72 2.37 41.29 9.48
CA ALA B 72 2.06 41.27 10.91
C ALA B 72 1.50 42.60 11.40
N ILE B 73 2.13 43.69 10.99
CA ILE B 73 1.71 45.01 11.46
C ILE B 73 0.26 45.20 11.07
N GLU B 74 -0.04 44.84 9.82
CA GLU B 74 -1.38 44.94 9.25
C GLU B 74 -2.41 44.14 10.05
N PHE B 75 -2.06 42.90 10.39
CA PHE B 75 -2.95 42.09 11.21
C PHE B 75 -3.22 42.74 12.56
N ILE B 76 -2.19 43.34 13.14
CA ILE B 76 -2.33 43.96 14.45
C ILE B 76 -3.13 45.26 14.37
N ASN B 77 -2.99 45.95 13.26
CA ASN B 77 -3.77 47.15 13.06
C ASN B 77 -5.26 46.80 12.87
N GLN B 78 -5.51 45.64 12.28
CA GLN B 78 -6.87 45.21 12.06
C GLN B 78 -7.52 44.90 13.40
N TYR B 79 -6.81 44.13 14.23
CA TYR B 79 -7.21 43.80 15.59
C TYR B 79 -7.64 45.01 16.42
N TYR B 80 -6.71 45.93 16.66
CA TYR B 80 -7.03 47.10 17.46
C TYR B 80 -8.12 47.98 16.82
N GLY B 81 -8.47 47.67 15.58
CA GLY B 81 -9.45 48.47 14.86
C GLY B 81 -10.84 47.89 15.03
N SER B 82 -10.89 46.62 15.39
CA SER B 82 -12.15 45.94 15.61
C SER B 82 -12.69 46.19 17.01
N PHE B 83 -12.48 47.36 17.58
CA PHE B 83 -12.99 47.63 18.91
C PHE B 83 -14.00 48.73 18.92
N LYS B 84 -15.13 48.50 19.55
CA LYS B 84 -16.10 49.57 19.76
C LYS B 84 -15.37 50.69 20.49
N GLU B 85 -14.45 50.32 21.37
CA GLU B 85 -13.67 51.30 22.12
C GLU B 85 -12.18 51.12 21.87
N ALA B 86 -11.60 52.09 21.18
CA ALA B 86 -10.20 52.04 20.75
C ALA B 86 -9.19 52.16 21.89
N LYS B 87 -8.15 51.32 21.86
CA LYS B 87 -7.05 51.33 22.85
C LYS B 87 -5.75 51.76 22.17
N ILE B 88 -5.55 53.07 22.02
CA ILE B 88 -4.36 53.57 21.32
C ILE B 88 -3.13 52.98 21.97
N GLU B 89 -3.06 53.13 23.29
CA GLU B 89 -2.02 52.57 24.13
C GLU B 89 -1.45 51.22 23.74
N GLU B 90 -2.28 50.18 23.84
CA GLU B 90 -1.81 48.80 23.66
C GLU B 90 -1.48 48.52 22.21
N HIS B 91 -2.21 49.21 21.33
CA HIS B 91 -2.04 49.10 19.91
C HIS B 91 -0.58 49.43 19.57
N LEU B 92 -0.08 50.53 20.10
CA LEU B 92 1.31 50.89 19.93
C LEU B 92 2.24 49.89 20.62
N ALA B 93 1.99 49.64 21.90
CA ALA B 93 2.81 48.71 22.64
C ALA B 93 2.92 47.38 21.88
N ARG B 94 1.77 46.85 21.47
CA ARG B 94 1.73 45.58 20.76
C ARG B 94 2.45 45.68 19.43
N LEU B 95 2.21 46.78 18.71
CA LEU B 95 2.93 47.03 17.47
C LEU B 95 4.42 46.95 17.75
N GLU B 96 4.89 47.78 18.66
CA GLU B 96 6.30 47.76 19.08
C GLU B 96 6.79 46.35 19.44
N ALA B 97 6.06 45.66 20.32
CA ALA B 97 6.50 44.33 20.77
C ALA B 97 6.68 43.36 19.60
N VAL B 98 5.61 43.20 18.82
CA VAL B 98 5.61 42.33 17.65
C VAL B 98 6.74 42.70 16.67
N THR B 99 6.95 43.98 16.47
CA THR B 99 8.02 44.41 15.58
C THR B 99 9.37 43.98 16.14
N LYS B 100 9.57 44.22 17.42
CA LYS B 100 10.84 43.85 18.03
C LYS B 100 10.98 42.33 18.10
N GLU B 101 9.87 41.64 18.34
CA GLU B 101 9.90 40.18 18.42
C GLU B 101 10.28 39.51 17.09
N ILE B 102 9.70 40.02 15.99
CA ILE B 102 10.02 39.54 14.64
C ILE B 102 11.45 39.88 14.24
N GLU B 103 11.90 41.09 14.54
CA GLU B 103 13.29 41.46 14.27
C GLU B 103 14.33 40.62 15.07
N THR B 104 13.99 40.22 16.29
CA THR B 104 14.91 39.44 17.13
C THR B 104 14.86 37.93 16.90
N THR B 105 13.66 37.39 16.73
CA THR B 105 13.51 35.95 16.61
C THR B 105 13.07 35.52 15.21
N GLY B 106 12.75 36.50 14.37
CA GLY B 106 12.30 36.23 13.02
C GLY B 106 10.91 35.59 12.93
N THR B 107 10.09 35.79 13.95
CA THR B 107 8.73 35.26 13.98
C THR B 107 8.04 35.70 15.27
N TYR B 108 6.73 35.44 15.37
CA TYR B 108 5.99 35.92 16.53
C TYR B 108 4.78 35.08 16.87
N GLN B 109 4.33 35.27 18.11
CA GLN B 109 3.23 34.52 18.67
C GLN B 109 2.02 35.43 18.85
N LEU B 110 0.82 34.91 18.59
CA LEU B 110 -0.38 35.70 18.83
C LEU B 110 -0.85 35.61 20.28
N THR B 111 -1.43 36.71 20.77
CA THR B 111 -2.16 36.61 22.02
C THR B 111 -3.38 35.74 21.71
N LEU B 112 -3.79 34.93 22.68
CA LEU B 112 -4.91 34.02 22.46
C LEU B 112 -6.14 34.78 21.93
N ASP B 113 -6.36 35.98 22.49
CA ASP B 113 -7.49 36.81 22.13
C ASP B 113 -7.40 37.20 20.64
N GLU B 114 -6.18 37.46 20.19
CA GLU B 114 -5.88 37.67 18.79
C GLU B 114 -6.25 36.47 17.94
N LEU B 115 -5.80 35.29 18.37
CA LEU B 115 -6.09 34.04 17.64
C LEU B 115 -7.59 33.83 17.51
N ILE B 116 -8.31 33.91 18.62
CA ILE B 116 -9.76 33.79 18.55
C ILE B 116 -10.36 34.70 17.44
N PHE B 117 -9.80 35.89 17.32
CA PHE B 117 -10.28 36.88 16.37
C PHE B 117 -9.92 36.47 14.94
N ALA B 118 -8.69 36.00 14.76
CA ALA B 118 -8.22 35.55 13.46
C ALA B 118 -9.08 34.41 12.91
N THR B 119 -9.43 33.45 13.78
CA THR B 119 -10.18 32.28 13.33
C THR B 119 -11.56 32.70 12.85
N LYS B 120 -12.11 33.72 13.50
CA LYS B 120 -13.46 34.18 13.19
C LYS B 120 -13.49 35.14 12.01
N MET B 121 -12.48 35.97 11.86
CA MET B 121 -12.40 36.78 10.66
C MET B 121 -12.11 35.86 9.49
N ALA B 122 -11.17 34.93 9.67
CA ALA B 122 -10.83 34.03 8.58
C ALA B 122 -12.10 33.36 8.05
N HIS B 123 -12.94 32.90 8.94
CA HIS B 123 -14.24 32.36 8.55
C HIS B 123 -15.07 33.43 7.84
N ARG B 124 -15.18 34.58 8.48
CA ARG B 124 -15.80 35.76 7.89
C ARG B 124 -15.37 36.01 6.44
N ASN B 125 -14.13 35.67 6.12
CA ASN B 125 -13.52 35.90 4.82
C ASN B 125 -13.50 34.67 3.89
N ALA B 126 -14.30 33.66 4.15
CA ALA B 126 -14.26 32.48 3.28
C ALA B 126 -15.28 32.62 2.15
N PRO B 127 -14.81 33.07 0.99
CA PRO B 127 -15.71 33.37 -0.13
C PRO B 127 -16.70 32.22 -0.35
N ARG B 128 -16.31 31.03 0.06
CA ARG B 128 -17.08 29.84 -0.30
C ARG B 128 -18.07 29.29 0.73
N CYS B 129 -18.23 29.99 1.86
CA CYS B 129 -19.09 29.51 2.95
C CYS B 129 -20.38 30.30 3.04
N ILE B 130 -21.50 29.58 3.00
CA ILE B 130 -22.81 30.21 3.05
C ILE B 130 -23.25 30.40 4.50
N GLY B 131 -22.59 29.69 5.41
CA GLY B 131 -22.94 29.76 6.82
C GLY B 131 -22.18 30.81 7.62
N ARG B 132 -21.94 31.96 7.01
CA ARG B 132 -21.14 32.98 7.66
C ARG B 132 -21.95 33.94 8.51
N ILE B 133 -23.28 33.80 8.54
CA ILE B 133 -24.06 34.68 9.41
C ILE B 133 -23.56 34.42 10.84
N GLN B 134 -22.91 33.26 11.00
CA GLN B 134 -22.52 32.65 12.27
C GLN B 134 -21.07 32.87 12.65
N TRP B 135 -20.42 33.84 12.03
CA TRP B 135 -18.97 33.89 12.01
C TRP B 135 -18.36 34.32 13.36
N SER B 136 -18.94 35.34 13.97
CA SER B 136 -18.53 35.80 15.28
C SER B 136 -18.85 34.79 16.38
N ASN B 137 -19.34 33.61 15.99
CA ASN B 137 -19.70 32.60 16.96
C ASN B 137 -18.96 31.29 16.68
N LEU B 138 -17.91 31.06 17.47
CA LEU B 138 -17.00 29.95 17.21
C LEU B 138 -16.31 29.57 18.50
N GLN B 139 -16.02 28.29 18.63
CA GLN B 139 -15.34 27.79 19.80
C GLN B 139 -13.90 27.57 19.39
N VAL B 140 -12.99 28.18 20.14
CA VAL B 140 -11.59 28.10 19.77
C VAL B 140 -10.83 27.31 20.81
N PHE B 141 -10.33 26.16 20.39
CA PHE B 141 -9.47 25.31 21.22
C PHE B 141 -7.99 25.55 20.89
N ASP B 142 -7.29 26.24 21.79
CA ASP B 142 -5.88 26.54 21.60
C ASP B 142 -4.99 25.34 21.93
N ALA B 143 -4.69 24.53 20.93
CA ALA B 143 -3.71 23.46 21.06
C ALA B 143 -2.31 23.89 20.56
N ARG B 144 -2.09 25.20 20.47
CA ARG B 144 -0.80 25.70 19.94
C ARG B 144 0.41 25.07 20.65
N ASN B 145 0.19 24.74 21.93
CA ASN B 145 1.17 24.11 22.78
C ASN B 145 0.91 22.63 22.78
N CYS B 146 0.99 22.02 21.61
CA CYS B 146 0.79 20.60 21.52
C CYS B 146 2.01 20.02 20.92
N SER B 147 2.28 18.73 21.14
CA SER B 147 3.45 18.14 20.43
C SER B 147 3.57 16.66 20.09
N THR B 148 2.54 15.88 20.38
CA THR B 148 2.58 14.43 20.56
C THR B 148 1.39 14.07 19.65
N ALA B 149 1.56 13.11 18.73
CA ALA B 149 0.56 12.92 17.68
C ALA B 149 -0.41 11.92 18.28
N GLN B 150 -0.61 12.22 19.60
CA GLN B 150 -1.06 11.31 20.65
C GLN B 150 -1.84 12.51 21.19
N GLU B 151 -1.09 13.48 21.72
CA GLU B 151 -1.66 14.73 22.20
C GLU B 151 -2.58 15.34 21.13
N MET B 152 -2.21 15.18 19.87
CA MET B 152 -2.92 15.76 18.73
C MET B 152 -4.19 14.97 18.53
N PHE B 153 -4.05 13.65 18.61
CA PHE B 153 -5.19 12.74 18.56
C PHE B 153 -6.16 13.03 19.69
N GLN B 154 -5.65 13.50 20.82
CA GLN B 154 -6.52 13.77 21.95
C GLN B 154 -7.31 15.03 21.71
N HIS B 155 -6.64 16.04 21.21
CA HIS B 155 -7.30 17.31 20.95
C HIS B 155 -8.41 17.17 19.93
N ILE B 156 -8.18 16.32 18.95
CA ILE B 156 -9.13 16.12 17.88
C ILE B 156 -10.38 15.47 18.46
N CYS B 157 -10.15 14.50 19.34
CA CYS B 157 -11.24 13.83 20.04
C CYS B 157 -12.09 14.79 20.86
N ARG B 158 -11.45 15.63 21.69
CA ARG B 158 -12.19 16.63 22.44
C ARG B 158 -13.05 17.51 21.51
N HIS B 159 -12.51 17.86 20.34
CA HIS B 159 -13.21 18.70 19.37
C HIS B 159 -14.44 17.95 18.85
N ILE B 160 -14.22 16.76 18.31
CA ILE B 160 -15.32 15.96 17.79
C ILE B 160 -16.45 15.86 18.79
N LEU B 161 -16.09 15.67 20.05
CA LEU B 161 -17.06 15.54 21.13
C LEU B 161 -17.74 16.87 21.49
N TYR B 162 -16.97 17.96 21.54
CA TYR B 162 -17.57 19.26 21.87
C TYR B 162 -18.57 19.64 20.80
N ALA B 163 -18.18 19.44 19.55
CA ALA B 163 -18.99 19.86 18.41
C ALA B 163 -20.23 19.00 18.19
N THR B 164 -20.15 17.70 18.51
CA THR B 164 -21.29 16.83 18.29
C THR B 164 -22.45 17.12 19.25
N ASN B 165 -22.13 17.46 20.50
CA ASN B 165 -23.13 17.77 21.53
C ASN B 165 -24.47 17.00 21.42
N ASN B 166 -24.36 15.69 21.21
CA ASN B 166 -25.55 14.86 21.21
C ASN B 166 -26.51 15.26 20.08
N GLY B 167 -25.92 15.76 19.00
CA GLY B 167 -26.69 16.16 17.83
C GLY B 167 -27.12 17.61 17.84
N ASN B 168 -26.79 18.34 18.90
CA ASN B 168 -26.95 19.78 18.87
C ASN B 168 -25.60 20.41 18.47
N ILE B 169 -25.39 20.53 17.16
CA ILE B 169 -24.07 20.77 16.62
C ILE B 169 -23.52 22.13 16.97
N ARG B 170 -22.28 22.15 17.46
CA ARG B 170 -21.60 23.40 17.81
C ARG B 170 -20.34 23.68 16.97
N SER B 171 -20.20 24.92 16.52
CA SER B 171 -19.03 25.29 15.72
C SER B 171 -17.79 25.46 16.57
N ALA B 172 -16.75 24.74 16.21
CA ALA B 172 -15.48 24.80 16.92
C ALA B 172 -14.31 24.75 15.93
N ILE B 173 -13.14 25.15 16.42
CA ILE B 173 -11.88 24.99 15.71
C ILE B 173 -10.80 24.71 16.73
N THR B 174 -9.93 23.75 16.44
CA THR B 174 -8.73 23.58 17.24
C THR B 174 -7.45 23.92 16.44
N VAL B 175 -6.77 24.96 16.91
CA VAL B 175 -5.53 25.43 16.31
C VAL B 175 -4.32 24.69 16.86
N PHE B 176 -3.61 24.00 15.98
CA PHE B 176 -2.37 23.34 16.36
C PHE B 176 -1.15 24.26 16.18
N PRO B 177 0.06 23.76 16.48
CA PRO B 177 1.15 24.73 16.47
C PRO B 177 1.48 25.31 15.08
N GLN B 178 1.56 26.65 15.00
CA GLN B 178 1.95 27.35 13.78
C GLN B 178 3.25 26.84 13.18
N ARG B 179 3.28 26.75 11.85
CA ARG B 179 4.47 26.37 11.11
C ARG B 179 5.65 27.30 11.44
N SER B 180 6.84 26.70 11.56
CA SER B 180 8.03 27.45 11.91
C SER B 180 9.02 27.51 10.75
N ASP B 181 9.79 26.44 10.55
CA ASP B 181 10.72 26.38 9.43
C ASP B 181 10.23 25.49 8.28
N GLY B 182 8.95 25.14 8.30
CA GLY B 182 8.38 24.33 7.24
C GLY B 182 8.76 22.87 7.32
N LYS B 183 9.67 22.53 8.23
CA LYS B 183 10.14 21.16 8.34
C LYS B 183 9.57 20.44 9.57
N HIS B 184 8.83 21.17 10.38
CA HIS B 184 8.14 20.57 11.53
C HIS B 184 6.65 20.86 11.53
N ASP B 185 6.05 20.73 10.33
CA ASP B 185 4.63 20.96 10.10
C ASP B 185 3.70 19.97 10.84
N PHE B 186 2.65 20.51 11.46
CA PHE B 186 1.53 19.71 11.95
C PHE B 186 0.43 19.60 10.87
N ARG B 187 0.22 18.39 10.36
CA ARG B 187 -0.67 18.20 9.24
C ARG B 187 -1.63 17.06 9.51
N LEU B 188 -2.93 17.34 9.40
CA LEU B 188 -3.94 16.27 9.36
C LEU B 188 -4.02 15.78 7.93
N TRP B 189 -3.70 14.51 7.70
CA TRP B 189 -3.68 13.97 6.35
C TRP B 189 -5.10 13.68 5.84
N ASN B 190 -6.09 13.87 6.70
CA ASN B 190 -7.46 13.60 6.32
C ASN B 190 -8.11 14.82 5.69
N SER B 191 -9.04 14.58 4.77
CA SER B 191 -9.76 15.66 4.09
C SER B 191 -10.82 16.25 5.00
N GLN B 192 -11.54 15.39 5.70
CA GLN B 192 -12.40 15.83 6.79
C GLN B 192 -12.11 14.89 7.97
N LEU B 193 -12.40 15.34 9.19
CA LEU B 193 -12.25 14.50 10.38
C LEU B 193 -12.95 13.15 10.20
N ILE B 194 -14.28 13.19 10.17
CA ILE B 194 -15.11 12.00 9.96
C ILE B 194 -15.46 11.86 8.50
N ARG B 195 -15.25 10.67 7.94
CA ARG B 195 -15.23 10.46 6.50
C ARG B 195 -15.17 8.96 6.18
N TYR B 196 -15.99 8.49 5.26
CA TYR B 196 -16.07 7.04 5.00
C TYR B 196 -15.05 6.52 4.01
N ALA B 197 -14.52 5.34 4.27
CA ALA B 197 -13.62 4.67 3.34
C ALA B 197 -14.26 4.36 1.99
N GLY B 198 -13.42 4.12 1.00
CA GLY B 198 -13.84 3.70 -0.31
C GLY B 198 -12.90 2.62 -0.80
N TYR B 199 -13.47 1.50 -1.21
CA TYR B 199 -12.67 0.36 -1.61
C TYR B 199 -12.93 0.00 -3.07
N GLN B 200 -11.87 -0.38 -3.76
CA GLN B 200 -11.99 -0.95 -5.09
C GLN B 200 -12.44 -2.40 -4.94
N MET B 201 -13.56 -2.74 -5.57
CA MET B 201 -14.10 -4.09 -5.44
C MET B 201 -13.74 -4.98 -6.63
N PRO B 202 -13.75 -6.31 -6.42
CA PRO B 202 -13.48 -7.29 -7.48
C PRO B 202 -14.57 -7.26 -8.56
N ASP B 203 -15.77 -6.90 -8.16
CA ASP B 203 -16.92 -6.85 -9.09
C ASP B 203 -16.67 -5.87 -10.23
N GLY B 204 -15.55 -5.16 -10.16
CA GLY B 204 -15.29 -4.06 -11.08
C GLY B 204 -15.90 -2.80 -10.50
N THR B 205 -16.76 -3.00 -9.51
CA THR B 205 -17.48 -1.92 -8.85
C THR B 205 -16.57 -1.13 -7.90
N ILE B 206 -17.14 -0.13 -7.24
CA ILE B 206 -16.45 0.61 -6.20
C ILE B 206 -17.37 0.77 -5.00
N ARG B 207 -16.95 0.21 -3.87
CA ARG B 207 -17.77 0.27 -2.65
C ARG B 207 -17.32 1.35 -1.68
N GLY B 208 -18.31 1.97 -1.04
CA GLY B 208 -18.07 2.95 -0.01
C GLY B 208 -18.17 4.35 -0.57
N ASP B 209 -17.37 5.26 -0.03
CA ASP B 209 -17.30 6.61 -0.54
C ASP B 209 -16.16 6.74 -1.55
N ALA B 210 -16.48 6.71 -2.83
CA ALA B 210 -15.48 6.63 -3.88
C ALA B 210 -14.44 7.77 -3.85
N ALA B 211 -14.84 8.95 -3.40
CA ALA B 211 -13.96 10.11 -3.40
C ALA B 211 -12.69 9.85 -2.62
N THR B 212 -12.81 9.16 -1.49
CA THR B 212 -11.68 8.88 -0.61
C THR B 212 -10.92 7.61 -1.02
N LEU B 213 -11.35 7.02 -2.12
CA LEU B 213 -10.78 5.75 -2.57
C LEU B 213 -9.25 5.69 -2.41
N GLU B 214 -8.57 6.75 -2.84
CA GLU B 214 -7.11 6.74 -2.90
C GLU B 214 -6.46 6.91 -1.54
N PHE B 215 -7.09 7.71 -0.69
CA PHE B 215 -6.62 7.96 0.68
C PHE B 215 -6.86 6.76 1.57
N THR B 216 -7.91 6.01 1.24
CA THR B 216 -8.19 4.75 1.89
C THR B 216 -6.99 3.83 1.67
N GLN B 217 -6.66 3.58 0.41
CA GLN B 217 -5.49 2.75 0.10
C GLN B 217 -4.29 3.17 0.93
N LEU B 218 -4.20 4.47 1.24
CA LEU B 218 -3.12 4.98 2.08
C LEU B 218 -3.17 4.47 3.51
N CYS B 219 -4.30 4.66 4.19
CA CYS B 219 -4.47 4.14 5.54
C CYS B 219 -4.10 2.67 5.55
N ILE B 220 -4.60 1.92 4.58
CA ILE B 220 -4.28 0.50 4.50
C ILE B 220 -2.76 0.32 4.52
N ASP B 221 -2.06 1.15 3.75
CA ASP B 221 -0.61 1.10 3.65
C ASP B 221 0.10 1.46 4.95
N LEU B 222 -0.57 2.23 5.80
CA LEU B 222 -0.01 2.58 7.10
C LEU B 222 -0.55 1.69 8.23
N GLY B 223 -1.06 0.51 7.87
CA GLY B 223 -1.43 -0.49 8.85
C GLY B 223 -2.91 -0.63 9.16
N TRP B 224 -3.71 0.36 8.80
CA TRP B 224 -5.13 0.31 9.09
C TRP B 224 -5.73 -0.98 8.52
N LYS B 225 -6.76 -1.49 9.20
CA LYS B 225 -7.42 -2.71 8.77
C LYS B 225 -8.71 -2.37 8.05
N PRO B 226 -8.73 -2.57 6.71
CA PRO B 226 -9.93 -2.31 5.90
C PRO B 226 -11.10 -3.17 6.34
N ARG B 227 -12.19 -2.55 6.78
CA ARG B 227 -13.37 -3.29 7.21
C ARG B 227 -14.27 -3.63 6.01
N TYR B 228 -13.91 -3.06 4.85
CA TYR B 228 -14.65 -3.21 3.59
C TYR B 228 -16.17 -3.06 3.67
N GLY B 229 -16.66 -1.83 3.80
CA GLY B 229 -18.09 -1.59 3.90
C GLY B 229 -18.56 -0.33 3.19
N ARG B 230 -19.86 -0.16 3.11
CA ARG B 230 -20.47 1.07 2.57
C ARG B 230 -20.14 2.27 3.45
N PHE B 231 -20.03 2.05 4.75
CA PHE B 231 -19.86 3.16 5.67
C PHE B 231 -18.83 2.95 6.80
N ASP B 232 -17.63 2.56 6.40
CA ASP B 232 -16.51 2.39 7.32
C ASP B 232 -15.80 3.73 7.59
N VAL B 233 -15.91 4.21 8.82
CA VAL B 233 -15.25 5.46 9.20
C VAL B 233 -13.73 5.36 9.11
N LEU B 234 -13.10 6.24 8.34
CA LEU B 234 -11.66 6.20 8.17
C LEU B 234 -10.91 6.61 9.44
N PRO B 235 -9.64 6.18 9.57
CA PRO B 235 -8.77 6.52 10.71
C PRO B 235 -8.19 7.94 10.65
N LEU B 236 -8.26 8.66 11.77
CA LEU B 236 -7.50 9.90 11.96
C LEU B 236 -6.04 9.62 11.63
N VAL B 237 -5.41 10.44 10.80
CA VAL B 237 -4.02 10.19 10.45
C VAL B 237 -3.18 11.42 10.71
N LEU B 238 -2.54 11.45 11.86
CA LEU B 238 -1.90 12.67 12.35
C LEU B 238 -0.39 12.76 12.09
N GLN B 239 0.04 13.91 11.58
CA GLN B 239 1.46 14.25 11.47
C GLN B 239 1.75 15.38 12.44
N ALA B 240 2.72 15.17 13.33
CA ALA B 240 3.04 16.15 14.37
C ALA B 240 4.49 16.60 14.28
N ASP B 241 4.70 17.91 14.38
CA ASP B 241 6.04 18.48 14.37
C ASP B 241 6.91 17.85 13.30
N GLY B 242 6.42 17.81 12.07
CA GLY B 242 7.19 17.33 10.93
C GLY B 242 7.35 15.83 10.78
N GLN B 243 7.05 15.09 11.85
CA GLN B 243 7.26 13.63 11.93
C GLN B 243 6.34 12.86 10.99
N ASP B 244 6.73 11.63 10.65
CA ASP B 244 5.86 10.78 9.84
C ASP B 244 4.51 10.61 10.54
N PRO B 245 3.44 10.42 9.75
CA PRO B 245 2.06 10.37 10.26
C PRO B 245 1.73 9.10 11.06
N GLU B 246 0.92 9.26 12.11
CA GLU B 246 0.45 8.14 12.91
C GLU B 246 -1.07 7.92 12.80
N VAL B 247 -1.45 6.65 12.73
CA VAL B 247 -2.85 6.27 12.54
C VAL B 247 -3.57 6.05 13.88
N PHE B 248 -4.74 6.65 14.01
CA PHE B 248 -5.62 6.36 15.13
C PHE B 248 -7.05 6.04 14.64
N GLU B 249 -7.70 5.13 15.33
CA GLU B 249 -9.07 4.81 15.05
C GLU B 249 -9.93 5.73 15.88
N ILE B 250 -10.97 6.29 15.30
CA ILE B 250 -11.85 7.21 16.04
C ILE B 250 -12.81 6.44 16.96
N PRO B 251 -12.79 6.76 18.27
CA PRO B 251 -13.62 6.00 19.21
C PRO B 251 -15.09 5.98 18.78
N PRO B 252 -15.57 4.85 18.26
CA PRO B 252 -16.92 4.80 17.66
C PRO B 252 -17.98 5.52 18.49
N ASP B 253 -17.84 5.52 19.81
CA ASP B 253 -18.78 6.26 20.64
C ASP B 253 -18.68 7.77 20.43
N LEU B 254 -17.80 8.21 19.53
CA LEU B 254 -17.66 9.64 19.24
C LEU B 254 -18.27 10.08 17.91
N VAL B 255 -18.38 9.13 16.99
CA VAL B 255 -18.97 9.38 15.68
C VAL B 255 -20.51 9.19 15.67
N LEU B 256 -21.26 10.29 15.75
CA LEU B 256 -22.72 10.26 15.63
C LEU B 256 -23.19 10.17 14.16
N GLU B 257 -24.20 9.36 13.91
CA GLU B 257 -24.68 9.09 12.55
C GLU B 257 -26.22 9.09 12.46
N VAL B 258 -26.74 9.49 11.31
CA VAL B 258 -28.20 9.55 11.12
C VAL B 258 -28.60 8.53 10.07
N THR B 259 -29.40 7.55 10.46
CA THR B 259 -29.97 6.59 9.49
C THR B 259 -30.99 7.30 8.61
N MET B 260 -30.91 7.05 7.31
CA MET B 260 -31.74 7.77 6.35
C MET B 260 -33.06 7.08 6.07
N GLU B 261 -34.14 7.78 6.43
CA GLU B 261 -35.50 7.31 6.18
C GLU B 261 -36.42 8.41 5.61
N HIS B 262 -37.15 8.05 4.55
CA HIS B 262 -38.17 8.90 3.98
C HIS B 262 -39.46 8.78 4.81
N PRO B 263 -40.20 9.90 4.99
CA PRO B 263 -41.40 9.90 5.82
C PRO B 263 -42.68 9.50 5.05
N LYS B 264 -42.52 9.01 3.83
CA LYS B 264 -43.64 8.46 3.09
C LYS B 264 -43.21 7.15 2.42
N TYR B 265 -41.95 7.08 2.01
CA TYR B 265 -41.43 5.88 1.37
C TYR B 265 -40.81 4.92 2.35
N GLU B 266 -41.50 3.87 2.72
CA GLU B 266 -40.89 2.98 3.66
C GLU B 266 -39.78 2.23 3.00
N TRP B 267 -39.91 1.98 1.71
CA TRP B 267 -38.85 1.23 1.03
C TRP B 267 -37.51 1.93 1.16
N PHE B 268 -37.56 3.18 1.61
CA PHE B 268 -36.39 4.05 1.60
C PHE B 268 -35.34 3.65 2.63
N GLN B 269 -35.73 2.99 3.70
CA GLN B 269 -34.80 2.49 4.68
C GLN B 269 -34.13 1.25 4.15
N GLU B 270 -34.90 0.40 3.50
CA GLU B 270 -34.30 -0.79 2.91
C GLU B 270 -33.08 -0.41 2.10
N LEU B 271 -32.92 0.89 1.89
CA LEU B 271 -31.85 1.40 1.05
C LEU B 271 -30.53 1.34 1.81
N GLY B 272 -30.61 1.40 3.13
CA GLY B 272 -29.48 1.16 4.00
C GLY B 272 -28.44 2.27 3.98
N LEU B 273 -28.93 3.51 4.06
CA LEU B 273 -28.10 4.71 3.93
C LEU B 273 -27.99 5.45 5.26
N LYS B 274 -26.77 5.85 5.61
CA LYS B 274 -26.57 6.74 6.74
C LYS B 274 -25.56 7.84 6.43
N TRP B 275 -25.37 8.75 7.38
CA TRP B 275 -24.31 9.72 7.26
C TRP B 275 -23.94 10.32 8.62
N TYR B 276 -22.65 10.62 8.79
CA TYR B 276 -22.18 11.28 9.99
C TYR B 276 -22.81 12.65 10.14
N ALA B 277 -23.08 13.05 11.38
CA ALA B 277 -23.69 14.34 11.64
C ALA B 277 -22.69 15.51 11.68
N LEU B 278 -21.39 15.23 11.58
CA LEU B 278 -20.41 16.29 11.76
C LEU B 278 -19.59 16.60 10.51
N PRO B 279 -19.74 17.81 9.98
CA PRO B 279 -18.89 18.16 8.85
C PRO B 279 -17.67 18.94 9.38
N ALA B 280 -16.51 18.31 9.36
CA ALA B 280 -15.36 18.95 9.95
C ALA B 280 -14.16 18.93 9.00
N VAL B 281 -13.97 20.05 8.31
CA VAL B 281 -12.85 20.22 7.39
C VAL B 281 -11.56 20.10 8.17
N ALA B 282 -10.65 19.28 7.65
CA ALA B 282 -9.48 18.91 8.42
C ALA B 282 -8.13 19.28 7.78
N ASN B 283 -8.14 19.79 6.55
CA ASN B 283 -6.89 19.85 5.79
C ASN B 283 -6.48 21.23 5.29
N MET B 284 -7.15 22.26 5.77
CA MET B 284 -6.87 23.60 5.31
C MET B 284 -5.86 24.34 6.19
N LEU B 285 -5.24 25.37 5.63
CA LEU B 285 -4.25 26.13 6.36
C LEU B 285 -4.84 27.45 6.82
N LEU B 286 -4.51 27.87 8.04
CA LEU B 286 -4.86 29.22 8.47
C LEU B 286 -3.66 30.17 8.38
N GLU B 287 -3.80 31.17 7.54
CA GLU B 287 -2.83 32.24 7.47
C GLU B 287 -3.38 33.45 8.22
N VAL B 288 -2.57 33.99 9.12
CA VAL B 288 -2.92 35.20 9.83
C VAL B 288 -1.63 35.96 10.11
N GLY B 289 -1.67 37.27 9.87
CA GLY B 289 -0.55 38.15 10.10
C GLY B 289 0.78 37.64 9.58
N GLY B 290 0.74 36.82 8.54
CA GLY B 290 1.96 36.30 7.97
C GLY B 290 2.30 34.92 8.48
N LEU B 291 1.79 34.59 9.66
CA LEU B 291 1.97 33.26 10.26
C LEU B 291 1.07 32.30 9.54
N GLU B 292 1.49 31.05 9.43
CA GLU B 292 0.71 30.02 8.76
C GLU B 292 0.46 28.85 9.70
N PHE B 293 -0.80 28.44 9.84
CA PHE B 293 -1.17 27.29 10.68
C PHE B 293 -1.65 26.12 9.81
N PRO B 294 -0.77 25.15 9.56
CA PRO B 294 -1.10 24.03 8.66
C PRO B 294 -2.01 22.94 9.26
N ALA B 295 -2.35 23.08 10.54
CA ALA B 295 -3.36 22.22 11.15
C ALA B 295 -4.35 23.02 11.97
N CYS B 296 -5.61 23.03 11.54
CA CYS B 296 -6.65 23.72 12.29
C CYS B 296 -8.01 23.31 11.76
N PRO B 297 -8.44 22.11 12.17
CA PRO B 297 -9.70 21.53 11.73
C PRO B 297 -10.83 22.40 12.27
N PHE B 298 -11.93 22.46 11.54
CA PHE B 298 -13.06 23.24 11.99
C PHE B 298 -14.38 22.65 11.52
N ASN B 299 -15.48 23.22 12.00
CA ASN B 299 -16.76 22.64 11.70
C ASN B 299 -17.90 23.62 11.91
N GLY B 300 -18.85 23.57 11.01
CA GLY B 300 -20.17 24.13 11.25
C GLY B 300 -21.07 22.92 11.28
N TRP B 301 -22.29 23.08 10.81
CA TRP B 301 -23.18 21.96 10.65
C TRP B 301 -23.59 21.83 9.18
N TYR B 302 -24.32 20.76 8.84
CA TYR B 302 -24.61 20.44 7.44
C TYR B 302 -25.71 21.29 6.84
N MET B 303 -25.56 21.59 5.55
CA MET B 303 -26.67 21.99 4.70
C MET B 303 -27.03 20.75 3.89
N GLY B 304 -28.32 20.44 3.82
CA GLY B 304 -28.79 19.13 3.44
C GLY B 304 -28.34 18.63 2.08
N THR B 305 -28.28 19.56 1.13
CA THR B 305 -27.84 19.27 -0.22
C THR B 305 -26.45 18.66 -0.20
N GLU B 306 -25.66 19.05 0.80
CA GLU B 306 -24.30 18.55 0.91
C GLU B 306 -24.34 17.05 0.88
N ILE B 307 -25.21 16.50 1.72
CA ILE B 307 -25.39 15.07 1.88
C ILE B 307 -26.23 14.51 0.73
N GLY B 308 -27.47 14.97 0.64
CA GLY B 308 -28.44 14.39 -0.26
C GLY B 308 -28.20 14.57 -1.74
N VAL B 309 -27.54 15.65 -2.12
CA VAL B 309 -27.34 15.92 -3.54
C VAL B 309 -25.94 15.52 -3.97
N ARG B 310 -24.94 16.02 -3.24
CA ARG B 310 -23.56 15.83 -3.64
C ARG B 310 -23.06 14.49 -3.19
N ASP B 311 -23.03 14.29 -1.88
CA ASP B 311 -22.57 13.04 -1.30
C ASP B 311 -23.36 11.82 -1.79
N PHE B 312 -24.66 11.98 -1.99
CA PHE B 312 -25.45 10.81 -2.39
C PHE B 312 -25.57 10.66 -3.89
N CYS B 313 -25.72 11.78 -4.59
CA CYS B 313 -26.11 11.69 -6.01
C CYS B 313 -25.01 11.94 -7.03
N ASP B 314 -23.84 12.39 -6.58
CA ASP B 314 -22.75 12.55 -7.53
C ASP B 314 -22.36 11.22 -8.16
N THR B 315 -22.31 11.20 -9.48
CA THR B 315 -21.65 10.14 -10.22
C THR B 315 -20.40 9.67 -9.46
N GLN B 316 -19.69 10.60 -8.85
CA GLN B 316 -18.38 10.28 -8.28
C GLN B 316 -18.37 10.06 -6.76
N ARG B 317 -19.53 10.11 -6.14
CA ARG B 317 -19.64 9.70 -4.76
C ARG B 317 -20.37 8.42 -4.48
N TYR B 318 -21.55 8.34 -4.33
CA TYR B 318 -22.29 7.23 -3.70
C TYR B 318 -23.25 6.85 -4.81
N ASN B 319 -23.52 7.81 -5.69
CA ASN B 319 -24.24 7.55 -6.93
C ASN B 319 -25.48 6.67 -6.81
N ILE B 320 -26.45 7.12 -6.03
CA ILE B 320 -27.64 6.32 -5.79
C ILE B 320 -28.79 6.67 -6.71
N LEU B 321 -28.68 7.79 -7.41
CA LEU B 321 -29.79 8.35 -8.19
C LEU B 321 -30.66 7.36 -8.96
N GLU B 322 -30.04 6.52 -9.79
CA GLU B 322 -30.79 5.53 -10.54
C GLU B 322 -31.59 4.60 -9.62
N GLU B 323 -30.90 3.84 -8.78
CA GLU B 323 -31.60 2.90 -7.90
C GLU B 323 -32.71 3.56 -7.09
N VAL B 324 -32.63 4.87 -6.92
CA VAL B 324 -33.73 5.55 -6.25
C VAL B 324 -34.91 5.76 -7.21
N GLY B 325 -34.59 6.05 -8.47
CA GLY B 325 -35.60 6.20 -9.50
C GLY B 325 -36.27 4.88 -9.83
N ARG B 326 -35.47 3.84 -10.05
CA ARG B 326 -36.04 2.52 -10.33
C ARG B 326 -36.96 2.03 -9.20
N ARG B 327 -36.63 2.35 -7.96
CA ARG B 327 -37.50 1.97 -6.85
C ARG B 327 -38.55 3.05 -6.57
N MET B 328 -38.61 4.05 -7.44
CA MET B 328 -39.66 5.06 -7.35
C MET B 328 -40.66 4.83 -8.49
N GLY B 329 -40.36 3.83 -9.31
CA GLY B 329 -41.16 3.47 -10.47
C GLY B 329 -41.07 4.50 -11.59
N LEU B 330 -39.98 5.24 -11.62
CA LEU B 330 -39.85 6.34 -12.55
C LEU B 330 -39.29 5.85 -13.87
N GLU B 331 -39.38 6.71 -14.88
CA GLU B 331 -38.91 6.39 -16.22
C GLU B 331 -37.41 6.65 -16.26
N THR B 332 -36.65 5.64 -15.85
CA THR B 332 -35.23 5.77 -15.58
C THR B 332 -34.34 5.81 -16.83
N HIS B 333 -34.91 5.49 -18.00
CA HIS B 333 -34.17 5.44 -19.25
C HIS B 333 -34.59 6.54 -20.21
N THR B 334 -35.47 7.44 -19.78
CA THR B 334 -35.82 8.58 -20.60
C THR B 334 -35.49 9.90 -19.89
N LEU B 335 -34.32 10.42 -20.23
CA LEU B 335 -33.73 11.57 -19.55
C LEU B 335 -34.72 12.72 -19.42
N ALA B 336 -35.45 12.97 -20.50
CA ALA B 336 -36.25 14.17 -20.59
C ALA B 336 -37.51 14.06 -19.74
N SER B 337 -37.68 12.92 -19.09
CA SER B 337 -38.85 12.74 -18.24
C SER B 337 -38.67 13.57 -16.98
N LEU B 338 -37.49 14.19 -16.84
CA LEU B 338 -37.12 14.92 -15.62
C LEU B 338 -37.09 14.03 -14.36
N TRP B 339 -36.98 12.72 -14.55
CA TRP B 339 -37.02 11.77 -13.44
C TRP B 339 -35.92 12.01 -12.38
N LYS B 340 -34.76 12.47 -12.84
CA LYS B 340 -33.65 12.82 -11.94
C LYS B 340 -34.04 13.97 -11.02
N ASP B 341 -34.75 14.93 -11.58
CA ASP B 341 -35.20 16.04 -10.77
C ASP B 341 -36.03 15.53 -9.60
N ARG B 342 -36.82 14.51 -9.89
CA ARG B 342 -37.86 14.01 -9.03
C ARG B 342 -37.29 13.19 -7.87
N ALA B 343 -36.37 12.30 -8.18
CA ALA B 343 -35.66 11.46 -7.23
C ALA B 343 -34.78 12.31 -6.31
N VAL B 344 -33.96 13.18 -6.90
CA VAL B 344 -33.10 14.05 -6.13
C VAL B 344 -33.86 14.73 -4.99
N THR B 345 -35.08 15.20 -5.27
CA THR B 345 -35.87 15.91 -4.28
C THR B 345 -36.32 14.98 -3.12
N GLU B 346 -36.63 13.73 -3.44
CA GLU B 346 -37.04 12.82 -2.41
C GLU B 346 -35.85 12.55 -1.50
N ILE B 347 -34.73 12.20 -2.10
CA ILE B 347 -33.47 11.99 -1.39
C ILE B 347 -33.19 13.20 -0.47
N ASN B 348 -33.50 14.40 -0.93
CA ASN B 348 -33.40 15.54 -0.05
C ASN B 348 -34.37 15.48 1.12
N VAL B 349 -35.67 15.50 0.84
CA VAL B 349 -36.65 15.56 1.93
C VAL B 349 -36.41 14.47 2.97
N ALA B 350 -35.84 13.34 2.54
CA ALA B 350 -35.45 12.24 3.40
C ALA B 350 -34.35 12.67 4.36
N VAL B 351 -33.28 13.25 3.80
CA VAL B 351 -32.13 13.71 4.56
C VAL B 351 -32.55 14.72 5.62
N LEU B 352 -33.33 15.71 5.20
CA LEU B 352 -33.80 16.75 6.12
C LEU B 352 -34.55 16.11 7.27
N HIS B 353 -35.50 15.24 6.92
CA HIS B 353 -36.43 14.64 7.86
C HIS B 353 -35.73 13.72 8.85
N SER B 354 -34.69 13.03 8.40
CA SER B 354 -33.99 12.14 9.28
C SER B 354 -33.21 12.93 10.34
N PHE B 355 -32.53 13.98 9.91
CA PHE B 355 -31.77 14.82 10.83
C PHE B 355 -32.69 15.43 11.87
N GLN B 356 -33.94 15.71 11.48
CA GLN B 356 -34.87 16.34 12.42
C GLN B 356 -35.42 15.34 13.45
N LYS B 357 -35.93 14.21 12.97
CA LYS B 357 -36.50 13.22 13.86
C LYS B 357 -35.45 12.81 14.89
N GLN B 358 -34.20 12.71 14.46
CA GLN B 358 -33.15 12.22 15.35
C GLN B 358 -32.38 13.33 16.08
N ASN B 359 -32.99 14.52 16.13
CA ASN B 359 -32.42 15.71 16.76
C ASN B 359 -30.95 15.99 16.51
N VAL B 360 -30.68 16.45 15.29
CA VAL B 360 -29.34 16.74 14.83
C VAL B 360 -29.39 17.98 13.95
N THR B 361 -28.87 19.10 14.45
CA THR B 361 -28.89 20.36 13.71
C THR B 361 -28.65 20.15 12.22
N ILE B 362 -29.59 20.64 11.41
CA ILE B 362 -29.38 20.72 9.96
C ILE B 362 -30.13 21.89 9.35
N MET B 363 -29.74 22.30 8.15
CA MET B 363 -30.36 23.44 7.48
C MET B 363 -30.55 23.20 5.99
N ASP B 364 -31.76 23.44 5.52
CA ASP B 364 -32.11 23.22 4.13
C ASP B 364 -31.53 24.37 3.29
N HIS B 365 -31.27 24.11 2.01
CA HIS B 365 -30.51 25.05 1.18
C HIS B 365 -31.26 26.34 0.88
N HIS B 366 -32.57 26.30 1.03
CA HIS B 366 -33.40 27.49 0.83
C HIS B 366 -33.21 28.46 1.98
N THR B 367 -33.42 27.99 3.19
CA THR B 367 -33.34 28.83 4.37
C THR B 367 -31.90 29.34 4.47
N ALA B 368 -30.97 28.46 4.17
CA ALA B 368 -29.55 28.78 4.10
C ALA B 368 -29.31 30.00 3.25
N SER B 369 -29.91 29.97 2.05
CA SER B 369 -29.74 31.02 1.08
C SER B 369 -30.32 32.33 1.55
N GLU B 370 -31.43 32.28 2.27
CA GLU B 370 -32.02 33.51 2.79
C GLU B 370 -31.12 34.06 3.88
N SER B 371 -30.57 33.14 4.68
CA SER B 371 -29.68 33.47 5.79
C SER B 371 -28.44 34.23 5.29
N PHE B 372 -27.72 33.63 4.35
CA PHE B 372 -26.54 34.26 3.77
C PHE B 372 -26.86 35.64 3.21
N MET B 373 -27.90 35.74 2.39
CA MET B 373 -28.28 37.02 1.82
C MET B 373 -28.38 38.07 2.92
N LYS B 374 -29.03 37.70 4.02
CA LYS B 374 -29.19 38.58 5.19
C LYS B 374 -27.84 39.08 5.71
N HIS B 375 -26.91 38.13 5.80
CA HIS B 375 -25.54 38.39 6.23
C HIS B 375 -24.82 39.31 5.28
N MET B 376 -25.02 39.07 3.99
CA MET B 376 -24.28 39.80 2.98
C MET B 376 -24.66 41.27 3.03
N GLN B 377 -25.94 41.55 3.14
CA GLN B 377 -26.33 42.94 3.28
C GLN B 377 -25.79 43.48 4.60
N ASN B 378 -25.73 42.65 5.62
CA ASN B 378 -25.18 43.06 6.91
C ASN B 378 -23.73 43.49 6.76
N GLU B 379 -22.98 42.69 6.01
CA GLU B 379 -21.58 42.94 5.73
C GLU B 379 -21.29 44.18 4.86
N TYR B 380 -22.11 44.45 3.85
CA TYR B 380 -21.96 45.69 3.09
C TYR B 380 -22.19 46.89 3.99
N ARG B 381 -23.30 46.86 4.73
CA ARG B 381 -23.58 47.91 5.69
C ARG B 381 -22.41 48.06 6.67
N ALA B 382 -21.95 46.94 7.22
CA ALA B 382 -20.90 46.95 8.22
C ALA B 382 -19.55 47.40 7.66
N ARG B 383 -19.03 46.65 6.68
CA ARG B 383 -17.67 46.91 6.23
C ARG B 383 -17.53 47.06 4.73
N GLY B 384 -18.64 47.40 4.09
CA GLY B 384 -18.63 47.74 2.68
C GLY B 384 -18.05 46.66 1.80
N GLY B 385 -18.50 45.43 2.04
CA GLY B 385 -18.10 44.31 1.21
C GLY B 385 -18.32 42.96 1.86
N CYS B 386 -18.19 41.92 1.06
CA CYS B 386 -18.27 40.54 1.52
C CYS B 386 -17.79 39.60 0.43
N PRO B 387 -16.55 39.12 0.53
CA PRO B 387 -16.02 38.23 -0.51
C PRO B 387 -16.99 37.10 -0.73
N ALA B 388 -17.30 36.76 -1.97
CA ALA B 388 -18.22 35.65 -2.20
C ALA B 388 -17.99 34.99 -3.56
N ASP B 389 -18.05 33.67 -3.57
CA ASP B 389 -17.81 32.88 -4.75
C ASP B 389 -19.17 32.27 -5.21
N TRP B 390 -19.85 32.99 -6.10
CA TRP B 390 -21.14 32.62 -6.61
C TRP B 390 -21.19 31.11 -6.86
N ILE B 391 -20.22 30.60 -7.60
CA ILE B 391 -20.23 29.23 -8.05
C ILE B 391 -20.40 28.32 -6.86
N TRP B 392 -19.79 28.70 -5.74
CA TRP B 392 -19.85 27.87 -4.52
C TRP B 392 -21.07 28.14 -3.65
N LEU B 393 -21.54 29.38 -3.66
CA LEU B 393 -22.62 29.80 -2.78
C LEU B 393 -23.99 29.47 -3.32
N VAL B 394 -24.07 28.99 -4.55
CA VAL B 394 -25.34 28.61 -5.10
C VAL B 394 -25.41 27.10 -5.01
N PRO B 395 -26.43 26.59 -4.30
CA PRO B 395 -26.61 25.16 -3.99
C PRO B 395 -26.68 24.33 -5.26
N PRO B 396 -26.35 23.03 -5.19
CA PRO B 396 -26.26 22.10 -6.33
C PRO B 396 -27.63 21.70 -6.94
N VAL B 397 -28.71 22.19 -6.33
CA VAL B 397 -30.02 22.05 -6.92
C VAL B 397 -30.75 23.35 -6.64
N SER B 398 -31.81 23.61 -7.42
CA SER B 398 -32.75 24.70 -7.19
C SER B 398 -32.15 26.09 -7.31
N GLY B 399 -31.03 26.19 -8.03
CA GLY B 399 -30.33 27.43 -8.23
C GLY B 399 -31.20 28.68 -8.25
N SER B 400 -31.87 28.90 -9.37
CA SER B 400 -32.61 30.16 -9.57
C SER B 400 -33.76 30.36 -8.58
N ILE B 401 -34.13 29.28 -7.88
CA ILE B 401 -35.17 29.38 -6.86
C ILE B 401 -34.62 30.02 -5.57
N THR B 402 -33.31 29.96 -5.36
CA THR B 402 -32.68 30.59 -4.21
C THR B 402 -32.26 32.00 -4.56
N PRO B 403 -32.40 32.93 -3.60
CA PRO B 403 -32.13 34.35 -3.87
C PRO B 403 -30.70 34.60 -4.35
N VAL B 404 -29.75 33.77 -3.94
CA VAL B 404 -28.33 34.08 -4.19
C VAL B 404 -27.99 34.01 -5.66
N PHE B 405 -28.63 33.10 -6.38
CA PHE B 405 -28.52 33.03 -7.84
C PHE B 405 -28.62 34.41 -8.46
N HIS B 406 -29.55 35.20 -7.95
CA HIS B 406 -29.85 36.51 -8.53
C HIS B 406 -28.84 37.61 -8.15
N GLN B 407 -28.08 37.39 -7.07
CA GLN B 407 -27.22 38.43 -6.53
C GLN B 407 -25.87 38.38 -7.21
N GLU B 408 -25.52 39.47 -7.89
CA GLU B 408 -24.16 39.64 -8.40
C GLU B 408 -23.21 39.76 -7.20
N MET B 409 -22.03 39.18 -7.31
CA MET B 409 -21.09 39.22 -6.18
C MET B 409 -19.61 39.21 -6.60
N LEU B 410 -18.76 39.74 -5.73
CA LEU B 410 -17.32 39.84 -5.98
C LEU B 410 -16.57 38.83 -5.12
N ASN B 411 -15.65 38.11 -5.73
CA ASN B 411 -14.84 37.14 -5.00
C ASN B 411 -13.39 37.66 -4.85
N TYR B 412 -12.98 38.00 -3.64
CA TYR B 412 -11.59 38.35 -3.38
C TYR B 412 -10.97 37.58 -2.19
N VAL B 413 -9.65 37.56 -2.09
CA VAL B 413 -8.99 36.94 -0.93
C VAL B 413 -8.46 37.94 0.10
N LEU B 414 -9.02 37.91 1.29
CA LEU B 414 -8.57 38.81 2.34
C LEU B 414 -7.61 38.10 3.30
N SER B 415 -7.42 38.66 4.49
CA SER B 415 -6.62 38.01 5.52
C SER B 415 -7.08 38.52 6.86
N PRO B 416 -7.20 37.61 7.84
CA PRO B 416 -6.81 36.19 7.77
C PRO B 416 -7.72 35.35 6.87
N PHE B 417 -7.24 34.17 6.48
CA PHE B 417 -7.89 33.43 5.42
C PHE B 417 -7.65 31.93 5.58
N TYR B 418 -8.58 31.12 5.08
CA TYR B 418 -8.39 29.68 5.00
C TYR B 418 -7.97 29.27 3.59
N TYR B 419 -6.80 28.64 3.50
CA TYR B 419 -6.21 28.24 2.23
C TYR B 419 -6.26 26.74 2.07
N TYR B 420 -6.37 26.30 0.83
CA TYR B 420 -6.15 24.90 0.52
C TYR B 420 -4.66 24.68 0.67
N GLN B 421 -4.27 23.43 0.83
CA GLN B 421 -2.86 23.09 0.71
C GLN B 421 -2.66 21.80 -0.08
N ILE B 422 -1.40 21.50 -0.39
CA ILE B 422 -1.02 20.36 -1.18
C ILE B 422 -1.04 19.07 -0.37
N GLU B 423 -1.76 18.07 -0.87
CA GLU B 423 -1.83 16.78 -0.22
C GLU B 423 -0.45 16.35 0.27
N PRO B 424 -0.31 16.23 1.60
CA PRO B 424 0.92 15.90 2.33
C PRO B 424 1.80 14.83 1.69
N TRP B 425 1.25 13.68 1.34
CA TRP B 425 2.04 12.58 0.79
C TRP B 425 2.79 12.97 -0.51
N LYS B 426 2.35 14.05 -1.14
CA LYS B 426 3.05 14.51 -2.33
C LYS B 426 4.33 15.23 -1.95
N THR B 427 4.31 15.93 -0.81
CA THR B 427 5.43 16.76 -0.36
C THR B 427 6.09 16.31 0.94
N HIS B 428 5.79 15.08 1.36
CA HIS B 428 6.37 14.55 2.59
C HIS B 428 7.66 13.80 2.31
N ILE B 429 8.41 13.54 3.37
CA ILE B 429 9.70 12.87 3.24
C ILE B 429 9.87 11.82 4.34
N TRP B 430 9.82 10.55 3.96
CA TRP B 430 9.88 9.44 4.92
C TRP B 430 11.33 9.09 5.30
N GLN B 431 11.54 8.60 6.52
CA GLN B 431 12.87 8.29 7.02
C GLN B 431 13.87 7.90 5.92
S SO4 C . 35.19 -31.29 -5.46
O1 SO4 C . 36.61 -30.91 -5.44
O2 SO4 C . 35.08 -32.74 -5.59
O3 SO4 C . 34.54 -30.83 -4.22
O4 SO4 C . 34.55 -30.67 -6.61
N NH4 D . 11.26 -27.35 -6.68
CHA HEM E . 14.71 -27.46 -2.93
CHB HEM E . 13.25 -31.08 -5.90
CHC HEM E . 16.03 -29.22 -9.38
CHD HEM E . 18.34 -26.57 -6.03
C1A HEM E . 14.00 -28.52 -3.47
C2A HEM E . 12.80 -29.12 -2.90
C3A HEM E . 12.41 -30.11 -3.70
C4A HEM E . 13.32 -30.19 -4.83
CMA HEM E . 11.19 -31.03 -3.47
CAA HEM E . 12.14 -28.68 -1.59
CBA HEM E . 10.97 -27.78 -1.96
CGA HEM E . 10.65 -26.86 -0.81
O1A HEM E . 10.73 -25.62 -1.01
O2A HEM E . 10.33 -27.35 0.30
C1B HEM E . 13.88 -30.92 -7.11
C2B HEM E . 13.78 -31.77 -8.28
C3B HEM E . 14.54 -31.22 -9.25
C4B HEM E . 15.17 -30.04 -8.71
CMB HEM E . 12.90 -33.03 -8.40
CAB HEM E . 14.80 -31.73 -10.69
CBB HEM E . 14.86 -33.03 -10.98
C1C HEM E . 16.86 -28.28 -8.79
C2C HEM E . 17.75 -27.39 -9.48
C3C HEM E . 18.39 -26.65 -8.56
C4C HEM E . 17.92 -27.07 -7.25
CMC HEM E . 17.93 -27.32 -11.02
CAC HEM E . 19.46 -25.55 -8.78
CBC HEM E . 20.15 -25.51 -9.93
C1D HEM E . 17.56 -26.47 -4.90
C2D HEM E . 17.77 -25.53 -3.81
C3D HEM E . 16.63 -25.81 -2.85
C4D HEM E . 15.85 -26.89 -3.44
CMD HEM E . 18.88 -24.48 -3.65
CAD HEM E . 16.39 -25.07 -1.53
CBD HEM E . 15.14 -24.22 -1.69
CGD HEM E . 14.89 -23.57 -0.38
O1D HEM E . 13.76 -23.05 -0.15
O2D HEM E . 15.83 -23.60 0.46
NA HEM E . 14.29 -29.19 -4.65
NB HEM E . 14.75 -29.88 -7.41
NC HEM E . 16.99 -28.08 -7.44
ND HEM E . 16.43 -27.25 -4.64
FE HEM E . 15.80 -28.80 -5.99
N1 H4B F . 11.56 -29.69 4.19
C2 H4B F . 11.28 -29.14 2.97
N2 H4B F . 11.62 -29.81 1.75
N3 H4B F . 10.64 -27.95 2.89
C4 H4B F . 10.27 -27.31 4.03
O4 H4B F . 9.55 -26.08 4.00
C4A H4B F . 10.56 -27.88 5.33
C8A H4B F . 11.16 -28.99 5.44
N5 H4B F . 10.14 -27.11 6.51
N8 H4B F . 11.43 -29.53 6.78
C6 H4B F . 10.87 -27.32 7.76
C7 H4B F . 10.84 -28.89 7.95
C9 H4B F . 10.24 -26.48 8.88
O9 H4B F . 8.85 -26.66 8.90
C10 H4B F . 10.94 -26.73 10.19
C11 H4B F . 10.39 -25.94 11.39
O10 H4B F . 12.34 -26.75 10.01
N NH4 G . -19.50 22.42 6.39
CHA HEM H . -17.47 25.58 2.85
CHB HEM H . -21.70 25.75 5.31
CHC HEM H . -19.20 27.12 9.20
CHD HEM H . -15.26 27.92 6.48
C1A HEM H . -18.78 25.39 3.23
C2A HEM H . -19.77 24.62 2.46
C3A HEM H . -20.92 24.68 3.13
C4A HEM H . -20.74 25.46 4.35
CMA HEM H . -22.24 24.00 2.67
CAA HEM H . -19.57 23.86 1.12
CBA HEM H . -18.58 22.68 1.17
CGA HEM H . -18.63 21.90 -0.13
O1A HEM H . -17.70 21.12 -0.50
O2A HEM H . -19.65 22.04 -0.86
C1B HEM H . -21.42 26.10 6.62
C2B HEM H . -22.32 26.22 7.77
C3B HEM H . -21.60 26.60 8.83
C4B HEM H . -20.23 26.74 8.38
CMB HEM H . -23.84 25.95 7.78
CAB HEM H . -22.00 26.89 10.30
CBB HEM H . -23.22 27.29 10.67
C1C HEM H . -17.91 27.36 8.81
C2C HEM H . -16.80 27.55 9.72
C3C HEM H . -15.70 27.76 8.98
C4C HEM H . -16.09 27.73 7.57
CMC HEM H . -16.96 27.48 11.25
CAC HEM H . -14.27 28.01 9.49
CBC HEM H . -14.06 28.33 10.78
C1D HEM H . -15.43 27.31 5.25
C2D HEM H . -14.39 27.09 4.26
C3D HEM H . -15.05 26.34 3.12
C4D HEM H . -16.45 26.20 3.54
CMD HEM H . -12.92 27.51 4.31
CAD HEM H . -14.26 25.93 1.86
CBD HEM H . -14.79 24.64 1.25
CGD HEM H . -13.68 23.67 0.98
O1D HEM H . -13.48 23.20 -0.18
O2D HEM H . -12.98 23.34 1.96
NA HEM H . -19.42 25.89 4.37
NB HEM H . -20.15 26.44 7.06
NC HEM H . -17.45 27.49 7.51
ND HEM H . -16.62 26.77 4.79
FE HEM H . -18.48 26.74 5.96
N1 H4B I . -19.99 24.62 -4.97
C2 H4B I . -19.84 24.06 -3.72
N2 H4B I . -20.44 24.66 -2.57
N3 H4B I . -19.12 22.94 -3.55
C4 H4B I . -18.55 22.35 -4.64
O4 H4B I . -17.83 21.13 -4.49
C4A H4B I . -18.70 22.93 -5.97
C8A H4B I . -19.38 23.98 -6.14
N5 H4B I . -18.03 22.29 -7.10
N8 H4B I . -19.53 24.54 -7.47
C6 H4B I . -17.70 23.09 -8.29
C7 H4B I . -19.03 23.83 -8.66
C9 H4B I . -17.08 22.24 -9.42
O9 H4B I . -17.83 21.10 -9.73
C10 H4B I . -16.72 23.12 -10.59
C11 H4B I . -16.02 22.38 -11.75
O10 H4B I . -16.10 24.32 -10.14
#